data_6YM4
#
_entry.id   6YM4
#
_cell.length_a   43.984
_cell.length_b   99.260
_cell.length_c   104.191
_cell.angle_alpha   90.000
_cell.angle_beta   93.370
_cell.angle_gamma   90.000
#
_symmetry.space_group_name_H-M   'P 1 21 1'
#
loop_
_entity.id
_entity.type
_entity.pdbx_description
1 polymer 'Phosphatidylinositol 5-phosphate 4-kinase type-2 alpha'
2 non-polymer (2~{R})-2-[[2-[4-(3-chloranyl-2-fluoranyl-phenyl)phenyl]-3-cyano-1,7-naphthyridin-4-yl]amino]butanamide
3 non-polymer GLYCEROL
4 water water
#
_entity_poly.entity_id   1
_entity_poly.type   'polypeptide(L)'
_entity_poly.pdbx_seq_one_letter_code
;MHHHHHHSSGVDLGTENLYFQSMDPLLSVLMWGVNHSINELSHVQIPVMLMPDDFKAYSKIKVDNHLFNKENMPSHFKFK
EYCPMVFRNLRERFGIDDQDFQNSLTRSAPLPNDSQARSGARFHTSYDKRYIIKTITSEDVAEMHNILKKYHQYIVECHG
ITLLPQFLGMYRLNVDGVEIYVIVTRNVFSHRLSVYRKYDLKGSTVAREASDKEKAKELPTLKDNDFINEGQKIYIDDNN
KKVFLEKLKKDVEFLAQLKLMDYSLLVGIHDVERAEQEEVECEENDGEEEGESDGTHPVGTPPDSPGNTLNSSPPLAPGE
FDPNIDVYGIKCHENSPRKEVYFMAII(PHD)ILTHYDAKKKAAHAAKTVKHGAGAEISTVNPEQYSKRFLDFIGHIL
;
_entity_poly.pdbx_strand_id   A,B
#
# COMPACT_ATOMS: atom_id res chain seq x y z
N ASN A 17 -5.01 9.48 11.59
CA ASN A 17 -4.18 8.51 10.82
C ASN A 17 -3.59 9.27 9.63
N LEU A 18 -2.99 8.53 8.69
CA LEU A 18 -2.03 9.11 7.71
C LEU A 18 -2.78 9.39 6.41
N TYR A 19 -2.89 10.67 6.01
CA TYR A 19 -3.59 11.14 4.79
C TYR A 19 -2.60 11.61 3.68
N PHE A 20 -1.32 11.82 4.00
CA PHE A 20 -0.30 12.33 3.04
C PHE A 20 -0.68 13.70 2.47
N GLN A 21 -1.47 14.50 3.18
CA GLN A 21 -1.79 15.88 2.77
C GLN A 21 -0.57 16.82 2.85
N SER A 22 -0.52 17.74 1.88
CA SER A 22 0.47 18.84 1.77
C SER A 22 -0.10 19.90 0.82
N MET A 23 0.34 21.14 0.97
CA MET A 23 0.07 22.21 -0.01
C MET A 23 0.90 21.90 -1.26
N ASP A 24 1.97 21.16 -1.08
CA ASP A 24 2.92 20.81 -2.18
C ASP A 24 2.49 19.44 -2.70
N PRO A 25 1.85 19.32 -3.87
CA PRO A 25 1.40 18.02 -4.34
C PRO A 25 2.56 17.04 -4.59
N LEU A 26 3.74 17.56 -4.92
CA LEU A 26 4.90 16.68 -5.13
C LEU A 26 5.25 16.05 -3.80
N LEU A 27 5.12 16.74 -2.67
CA LEU A 27 5.37 16.08 -1.36
C LEU A 27 4.28 15.03 -1.07
N SER A 28 3.02 15.29 -1.43
CA SER A 28 1.96 14.27 -1.22
C SER A 28 2.29 13.01 -2.02
N VAL A 29 2.73 13.15 -3.27
CA VAL A 29 3.04 11.95 -4.12
C VAL A 29 4.28 11.24 -3.51
N LEU A 30 5.27 11.99 -3.02
CA LEU A 30 6.51 11.39 -2.43
C LEU A 30 6.09 10.52 -1.23
N MET A 31 5.25 11.06 -0.33
CA MET A 31 4.82 10.37 0.91
C MET A 31 3.99 9.12 0.53
N TRP A 32 3.09 9.29 -0.42
CA TRP A 32 2.24 8.19 -0.95
C TRP A 32 3.17 7.12 -1.56
N GLY A 33 4.17 7.53 -2.36
CA GLY A 33 5.03 6.61 -3.15
C GLY A 33 5.97 5.83 -2.25
N VAL A 34 6.53 6.50 -1.23
CA VAL A 34 7.37 5.82 -0.18
C VAL A 34 6.50 4.86 0.60
N ASN A 35 5.27 5.26 0.97
CA ASN A 35 4.36 4.35 1.68
C ASN A 35 4.14 3.09 0.83
N HIS A 36 3.79 3.29 -0.44
CA HIS A 36 3.49 2.21 -1.41
C HIS A 36 4.74 1.32 -1.60
N SER A 37 5.89 1.94 -1.88
CA SER A 37 7.18 1.26 -2.18
C SER A 37 7.48 0.29 -1.05
N ILE A 38 7.43 0.82 0.16
CA ILE A 38 7.81 0.01 1.35
C ILE A 38 6.79 -1.11 1.57
N ASN A 39 5.48 -0.84 1.42
CA ASN A 39 4.47 -1.91 1.61
C ASN A 39 4.63 -2.98 0.54
N GLU A 40 4.90 -2.61 -0.69
CA GLU A 40 5.16 -3.54 -1.81
C GLU A 40 6.34 -4.48 -1.48
N LEU A 41 7.45 -3.94 -1.00
CA LEU A 41 8.66 -4.74 -0.65
C LEU A 41 8.31 -5.67 0.48
N SER A 42 7.33 -5.32 1.31
CA SER A 42 6.94 -6.27 2.37
C SER A 42 6.38 -7.53 1.72
N HIS A 43 5.98 -7.50 0.44
CA HIS A 43 5.44 -8.67 -0.32
C HIS A 43 6.44 -9.20 -1.36
N VAL A 44 7.74 -8.92 -1.22
CA VAL A 44 8.86 -9.42 -2.10
C VAL A 44 9.98 -10.05 -1.23
N GLN A 45 10.43 -11.29 -1.48
CA GLN A 45 11.48 -11.94 -0.63
C GLN A 45 12.77 -11.11 -0.60
N ILE A 46 13.41 -11.10 0.55
CA ILE A 46 14.80 -10.64 0.76
C ILE A 46 15.68 -11.70 0.08
N PRO A 47 16.47 -11.41 -0.99
CA PRO A 47 17.27 -12.46 -1.65
C PRO A 47 18.58 -12.73 -0.89
N VAL A 48 19.10 -13.94 -1.06
CA VAL A 48 20.45 -14.29 -0.55
C VAL A 48 21.35 -13.09 -0.86
N MET A 49 21.38 -12.65 -2.12
CA MET A 49 22.32 -11.58 -2.54
C MET A 49 21.75 -10.87 -3.76
N LEU A 50 22.11 -9.62 -3.98
CA LEU A 50 21.70 -8.87 -5.18
C LEU A 50 22.32 -9.46 -6.46
N MET A 51 21.61 -9.35 -7.58
CA MET A 51 22.12 -9.76 -8.90
C MET A 51 22.19 -8.57 -9.85
N PRO A 52 22.90 -8.70 -11.02
CA PRO A 52 23.05 -7.61 -11.97
C PRO A 52 21.74 -6.95 -12.39
N ASP A 53 20.69 -7.77 -12.64
CA ASP A 53 19.35 -7.26 -13.03
C ASP A 53 18.81 -6.29 -11.98
N ASP A 54 19.15 -6.44 -10.71
CA ASP A 54 18.62 -5.57 -9.63
C ASP A 54 19.14 -4.14 -9.79
N PHE A 55 20.27 -3.97 -10.49
CA PHE A 55 20.88 -2.64 -10.72
C PHE A 55 20.33 -1.93 -11.98
N LYS A 56 19.42 -2.55 -12.74
CA LYS A 56 18.72 -1.89 -13.89
C LYS A 56 17.19 -1.99 -13.74
N ALA A 57 16.70 -2.31 -12.54
CA ALA A 57 15.28 -2.60 -12.27
C ALA A 57 14.56 -1.30 -11.95
N TYR A 58 13.24 -1.30 -12.07
CA TYR A 58 12.37 -0.22 -11.55
C TYR A 58 10.96 -0.76 -11.28
N SER A 59 10.20 -0.07 -10.44
CA SER A 59 8.71 -0.21 -10.41
C SER A 59 8.06 1.13 -10.77
N LYS A 60 7.08 1.09 -11.66
CA LYS A 60 6.31 2.26 -12.09
C LYS A 60 4.84 2.07 -11.68
N ILE A 61 4.25 3.15 -11.18
CA ILE A 61 2.84 3.17 -10.68
C ILE A 61 2.24 4.40 -11.34
N LYS A 62 1.04 4.26 -11.94
CA LYS A 62 0.24 5.38 -12.47
C LYS A 62 -1.11 5.29 -11.78
N VAL A 63 -1.52 6.35 -11.08
CA VAL A 63 -2.81 6.37 -10.33
C VAL A 63 -3.73 7.36 -11.00
N ASP A 64 -4.98 6.96 -11.28
CA ASP A 64 -6.05 7.88 -11.77
C ASP A 64 -7.28 7.64 -10.92
N ASN A 65 -7.50 8.51 -9.96
CA ASN A 65 -8.71 8.60 -9.09
C ASN A 65 -9.75 9.51 -9.72
N HIS A 66 -11.01 9.08 -9.71
CA HIS A 66 -12.15 9.88 -10.20
C HIS A 66 -13.14 9.99 -9.06
N LEU A 67 -13.36 11.21 -8.56
CA LEU A 67 -14.30 11.54 -7.47
C LEU A 67 -13.98 10.71 -6.23
N PHE A 68 -12.70 10.50 -5.94
CA PHE A 68 -12.24 9.58 -4.87
C PHE A 68 -10.99 10.16 -4.26
N ASN A 69 -11.03 10.38 -2.94
CA ASN A 69 -9.90 10.90 -2.15
C ASN A 69 -9.43 12.24 -2.74
N LYS A 70 -10.35 13.00 -3.34
CA LYS A 70 -10.11 14.18 -4.19
C LYS A 70 -9.67 15.37 -3.33
N GLU A 71 -9.74 15.24 -2.00
CA GLU A 71 -9.39 16.30 -1.02
C GLU A 71 -7.95 16.16 -0.55
N ASN A 72 -7.49 14.96 -0.25
N ASN A 72 -7.60 14.95 -0.07
CA ASN A 72 -6.22 14.80 0.50
CA ASN A 72 -6.28 14.58 0.49
C ASN A 72 -5.09 14.43 -0.48
C ASN A 72 -5.23 14.75 -0.62
N MET A 73 -5.41 14.01 -1.72
CA MET A 73 -4.37 13.67 -2.73
C MET A 73 -4.74 14.22 -4.10
N PRO A 74 -3.76 14.60 -4.96
CA PRO A 74 -4.05 14.76 -6.38
C PRO A 74 -4.70 13.47 -6.91
N SER A 75 -5.47 13.61 -7.97
CA SER A 75 -6.24 12.52 -8.59
C SER A 75 -5.43 11.78 -9.63
N HIS A 76 -4.40 12.41 -10.22
CA HIS A 76 -3.67 11.86 -11.40
C HIS A 76 -2.17 11.99 -11.11
N PHE A 77 -1.47 10.92 -10.84
CA PHE A 77 -0.01 11.05 -10.60
C PHE A 77 0.69 9.78 -11.04
N LYS A 78 2.03 9.91 -11.16
CA LYS A 78 2.93 8.76 -11.41
C LYS A 78 4.05 8.79 -10.39
N PHE A 79 4.47 7.62 -10.01
CA PHE A 79 5.59 7.42 -9.06
C PHE A 79 6.42 6.23 -9.55
N LYS A 80 7.71 6.46 -9.70
CA LYS A 80 8.65 5.40 -10.17
C LYS A 80 9.76 5.25 -9.13
N GLU A 81 10.06 4.01 -8.78
CA GLU A 81 11.19 3.69 -7.87
C GLU A 81 12.25 2.96 -8.70
N TYR A 82 13.46 3.50 -8.64
CA TYR A 82 14.71 2.95 -9.23
C TYR A 82 15.24 1.86 -8.33
N CYS A 83 15.62 0.72 -8.91
CA CYS A 83 16.37 -0.40 -8.25
C CYS A 83 15.92 -0.64 -6.83
N PRO A 84 14.62 -0.98 -6.63
CA PRO A 84 14.08 -1.12 -5.28
C PRO A 84 14.87 -2.11 -4.40
N MET A 85 15.31 -3.21 -4.98
CA MET A 85 16.00 -4.26 -4.19
C MET A 85 17.35 -3.71 -3.68
N VAL A 86 17.98 -2.86 -4.46
CA VAL A 86 19.34 -2.34 -4.11
C VAL A 86 19.17 -1.37 -2.95
N PHE A 87 18.27 -0.38 -3.10
CA PHE A 87 18.07 0.61 -2.02
C PHE A 87 17.52 -0.10 -0.78
N ARG A 88 16.70 -1.15 -0.92
CA ARG A 88 16.29 -1.89 0.31
C ARG A 88 17.54 -2.48 0.98
N ASN A 89 18.41 -3.13 0.22
CA ASN A 89 19.63 -3.72 0.82
C ASN A 89 20.52 -2.60 1.41
N LEU A 90 20.61 -1.45 0.79
CA LEU A 90 21.43 -0.34 1.34
C LEU A 90 20.87 0.18 2.68
N ARG A 91 19.56 0.30 2.78
CA ARG A 91 18.93 0.69 4.07
C ARG A 91 19.38 -0.33 5.11
N GLU A 92 19.24 -1.63 4.80
CA GLU A 92 19.58 -2.62 5.84
C GLU A 92 21.07 -2.50 6.22
N ARG A 93 21.95 -2.32 5.22
CA ARG A 93 23.42 -2.30 5.50
C ARG A 93 23.78 -1.06 6.29
N PHE A 94 22.97 0.01 6.24
CA PHE A 94 23.18 1.24 7.05
C PHE A 94 22.34 1.21 8.34
N GLY A 95 21.74 0.08 8.71
CA GLY A 95 21.12 -0.11 10.03
C GLY A 95 19.72 0.51 10.09
N ILE A 96 19.08 0.71 8.96
CA ILE A 96 17.76 1.37 8.85
C ILE A 96 16.69 0.30 8.58
N ASP A 97 15.74 0.13 9.51
CA ASP A 97 14.56 -0.74 9.29
C ASP A 97 13.59 -0.06 8.31
N ASP A 98 13.02 -0.80 7.35
CA ASP A 98 12.06 -0.26 6.34
C ASP A 98 10.81 0.37 7.01
N GLN A 99 10.30 -0.18 8.09
CA GLN A 99 9.08 0.40 8.73
C GLN A 99 9.46 1.75 9.36
N ASP A 100 10.61 1.85 10.01
CA ASP A 100 11.10 3.15 10.57
C ASP A 100 11.26 4.15 9.43
N PHE A 101 11.89 3.73 8.34
CA PHE A 101 12.09 4.63 7.16
C PHE A 101 10.72 5.15 6.68
N GLN A 102 9.74 4.23 6.52
CA GLN A 102 8.39 4.53 6.00
C GLN A 102 7.74 5.58 6.93
N ASN A 103 7.79 5.39 8.26
CA ASN A 103 7.16 6.29 9.26
C ASN A 103 7.84 7.68 9.16
N SER A 104 9.18 7.70 9.06
CA SER A 104 9.99 8.94 8.94
C SER A 104 9.54 9.75 7.73
N LEU A 105 9.31 9.06 6.61
CA LEU A 105 9.01 9.80 5.37
C LEU A 105 7.50 10.02 5.17
N THR A 106 6.61 9.42 5.97
CA THR A 106 5.13 9.49 5.68
C THR A 106 4.27 10.03 6.81
N ARG A 107 4.67 9.96 8.06
CA ARG A 107 3.75 10.31 9.18
C ARG A 107 3.43 11.80 9.20
N SER A 108 4.35 12.64 8.73
CA SER A 108 4.14 14.09 8.59
C SER A 108 5.04 14.56 7.45
N ALA A 109 4.65 15.64 6.79
CA ALA A 109 5.30 16.05 5.54
C ALA A 109 6.75 16.40 5.86
N PRO A 110 7.67 16.09 4.93
CA PRO A 110 9.02 16.68 4.98
C PRO A 110 8.98 18.21 4.98
N LEU A 111 9.87 18.85 5.74
CA LEU A 111 9.95 20.31 5.90
C LEU A 111 10.99 20.90 4.95
N PRO A 112 10.65 21.95 4.18
CA PRO A 112 11.64 22.64 3.35
C PRO A 112 12.69 23.35 4.20
N ASN A 113 13.94 23.37 3.72
N ASN A 113 13.96 23.38 3.76
CA ASN A 113 15.10 24.07 4.34
CA ASN A 113 15.05 24.08 4.47
C ASN A 113 14.77 25.55 4.47
C ASN A 113 14.77 25.59 4.48
N ASP A 114 13.99 26.11 3.54
CA ASP A 114 13.36 27.46 3.67
C ASP A 114 11.96 27.31 4.28
N GLY A 120 17.17 25.25 -6.22
CA GLY A 120 18.50 24.64 -6.53
C GLY A 120 19.31 24.30 -5.28
N ALA A 121 19.46 25.25 -4.36
CA ALA A 121 20.00 25.01 -3.00
C ALA A 121 18.94 24.30 -2.12
N ARG A 122 17.68 24.25 -2.57
CA ARG A 122 16.50 23.76 -1.80
C ARG A 122 16.75 22.29 -1.43
N PHE A 123 16.46 21.93 -0.18
CA PHE A 123 16.25 20.54 0.24
C PHE A 123 15.15 20.48 1.30
N HIS A 124 14.66 19.29 1.51
CA HIS A 124 13.72 19.01 2.61
C HIS A 124 14.39 18.10 3.60
N THR A 125 13.97 18.20 4.84
CA THR A 125 14.32 17.21 5.89
C THR A 125 13.06 16.40 6.21
N SER A 126 13.17 15.11 6.51
CA SER A 126 12.00 14.36 7.06
C SER A 126 11.55 15.05 8.33
N TYR A 127 10.27 14.90 8.70
CA TYR A 127 9.66 15.62 9.84
C TYR A 127 10.47 15.35 11.11
N ASP A 128 10.96 14.12 11.29
CA ASP A 128 11.75 13.67 12.48
C ASP A 128 13.26 13.98 12.29
N LYS A 129 13.66 14.65 11.20
CA LYS A 129 15.06 15.15 10.96
C LYS A 129 16.06 13.99 10.85
N ARG A 130 15.59 12.79 10.45
CA ARG A 130 16.48 11.63 10.19
C ARG A 130 17.04 11.69 8.78
N TYR A 131 16.26 12.17 7.82
CA TYR A 131 16.57 12.04 6.38
C TYR A 131 16.46 13.36 5.66
N ILE A 132 17.20 13.43 4.55
CA ILE A 132 17.31 14.57 3.65
C ILE A 132 16.73 14.10 2.33
N ILE A 133 15.90 14.95 1.74
CA ILE A 133 15.24 14.71 0.44
C ILE A 133 15.68 15.82 -0.50
N LYS A 134 16.19 15.46 -1.68
CA LYS A 134 16.74 16.40 -2.66
C LYS A 134 16.20 16.06 -4.04
N THR A 135 15.75 17.08 -4.75
CA THR A 135 15.45 17.05 -6.20
C THR A 135 16.78 16.98 -6.97
N ILE A 136 16.90 16.00 -7.89
CA ILE A 136 18.09 15.74 -8.72
C ILE A 136 17.66 15.69 -10.21
N THR A 137 18.60 15.71 -11.13
CA THR A 137 18.32 15.80 -12.59
C THR A 137 18.30 14.40 -13.18
N SER A 138 17.90 14.25 -14.41
CA SER A 138 17.93 12.93 -15.09
C SER A 138 19.40 12.53 -15.31
N GLU A 139 20.28 13.51 -15.46
CA GLU A 139 21.72 13.26 -15.61
C GLU A 139 22.18 12.60 -14.31
N ASP A 140 21.80 13.17 -13.17
CA ASP A 140 22.11 12.60 -11.85
C ASP A 140 21.66 11.15 -11.84
N VAL A 141 20.42 10.87 -12.24
CA VAL A 141 19.87 9.50 -12.08
C VAL A 141 20.76 8.57 -12.91
N ALA A 142 21.13 8.99 -14.12
CA ALA A 142 21.99 8.23 -15.06
C ALA A 142 23.33 7.96 -14.40
N GLU A 143 23.91 8.95 -13.74
CA GLU A 143 25.22 8.81 -13.08
C GLU A 143 25.10 7.90 -11.83
N MET A 144 23.98 7.99 -11.14
N MET A 144 23.98 7.99 -11.13
CA MET A 144 23.67 7.13 -9.98
CA MET A 144 23.73 7.09 -9.98
C MET A 144 23.70 5.66 -10.43
C MET A 144 23.76 5.64 -10.47
N HIS A 145 23.06 5.35 -11.57
CA HIS A 145 23.02 3.97 -12.13
C HIS A 145 24.46 3.59 -12.53
N ASN A 146 25.22 4.54 -13.08
CA ASN A 146 26.62 4.31 -13.52
C ASN A 146 27.48 3.86 -12.33
N ILE A 147 27.31 4.42 -11.14
CA ILE A 147 28.14 4.11 -9.93
C ILE A 147 27.52 3.06 -9.02
N LEU A 148 26.25 2.64 -9.22
CA LEU A 148 25.45 1.95 -8.17
C LEU A 148 26.08 0.60 -7.82
N LYS A 149 26.57 -0.15 -8.80
CA LYS A 149 27.18 -1.45 -8.45
C LYS A 149 28.47 -1.24 -7.67
N LYS A 150 29.31 -0.25 -8.03
CA LYS A 150 30.59 -0.06 -7.30
C LYS A 150 30.29 0.46 -5.91
N TYR A 151 29.28 1.33 -5.81
CA TYR A 151 28.92 1.96 -4.52
C TYR A 151 28.46 0.82 -3.59
N HIS A 152 27.54 0.01 -4.07
CA HIS A 152 26.95 -1.10 -3.25
C HIS A 152 28.10 -2.00 -2.73
N GLN A 153 29.04 -2.38 -3.59
CA GLN A 153 30.14 -3.30 -3.20
C GLN A 153 31.05 -2.59 -2.21
N TYR A 154 31.29 -1.31 -2.42
CA TYR A 154 32.12 -0.55 -1.44
C TYR A 154 31.42 -0.56 -0.07
N ILE A 155 30.09 -0.34 -0.02
CA ILE A 155 29.28 -0.40 1.24
C ILE A 155 29.41 -1.81 1.85
N VAL A 156 29.35 -2.86 1.06
CA VAL A 156 29.55 -4.24 1.57
C VAL A 156 30.92 -4.39 2.27
N GLU A 157 31.97 -3.93 1.60
CA GLU A 157 33.38 -4.17 2.04
C GLU A 157 33.70 -3.29 3.24
N CYS A 158 33.05 -2.15 3.47
CA CYS A 158 33.34 -1.35 4.69
C CYS A 158 32.28 -1.61 5.74
N HIS A 159 31.40 -2.60 5.52
CA HIS A 159 30.36 -3.00 6.50
C HIS A 159 29.54 -1.77 6.86
N GLY A 160 29.23 -0.93 5.88
CA GLY A 160 28.43 0.29 6.07
C GLY A 160 29.05 1.35 6.96
N ILE A 161 30.35 1.29 7.24
CA ILE A 161 31.11 2.33 7.99
C ILE A 161 31.81 3.24 6.95
N THR A 162 31.31 4.43 6.68
CA THR A 162 31.83 5.34 5.64
C THR A 162 31.28 6.74 5.91
N LEU A 163 31.99 7.75 5.42
CA LEU A 163 31.57 9.17 5.46
C LEU A 163 30.85 9.51 4.14
N LEU A 164 30.73 8.54 3.22
CA LEU A 164 30.02 8.77 1.93
C LEU A 164 28.56 9.06 2.26
N PRO A 165 27.80 9.78 1.40
CA PRO A 165 26.34 9.81 1.50
C PRO A 165 25.74 8.41 1.48
N GLN A 166 24.78 8.19 2.37
CA GLN A 166 24.00 6.94 2.38
C GLN A 166 22.81 7.14 1.45
N PHE A 167 22.85 6.55 0.27
CA PHE A 167 21.74 6.66 -0.67
C PHE A 167 20.68 5.62 -0.29
N LEU A 168 19.51 6.06 0.11
CA LEU A 168 18.51 5.14 0.73
C LEU A 168 17.28 4.92 -0.16
N GLY A 169 17.07 5.76 -1.15
CA GLY A 169 15.92 5.61 -2.04
C GLY A 169 16.03 6.63 -3.15
N MET A 170 15.56 6.26 -4.34
CA MET A 170 15.63 7.14 -5.52
C MET A 170 14.36 6.95 -6.32
N TYR A 171 13.73 8.06 -6.73
CA TYR A 171 12.34 8.07 -7.24
C TYR A 171 12.20 9.12 -8.33
N ARG A 172 11.21 8.91 -9.19
CA ARG A 172 10.67 9.91 -10.14
C ARG A 172 9.18 10.11 -9.84
N LEU A 173 8.79 11.37 -9.70
CA LEU A 173 7.39 11.80 -9.42
C LEU A 173 6.85 12.54 -10.62
N ASN A 174 5.54 12.40 -10.89
CA ASN A 174 4.85 13.19 -11.95
C ASN A 174 3.45 13.58 -11.42
N VAL A 175 3.20 14.87 -11.32
CA VAL A 175 1.85 15.37 -10.96
C VAL A 175 1.66 16.76 -11.59
N ASP A 176 0.50 17.00 -12.19
CA ASP A 176 0.13 18.30 -12.75
C ASP A 176 1.11 18.68 -13.87
N GLY A 177 1.64 17.70 -14.60
CA GLY A 177 2.66 17.91 -15.66
C GLY A 177 4.05 18.35 -15.16
N VAL A 178 4.33 18.20 -13.87
CA VAL A 178 5.65 18.55 -13.27
C VAL A 178 6.32 17.21 -12.99
N GLU A 179 7.46 16.95 -13.65
CA GLU A 179 8.29 15.77 -13.42
C GLU A 179 9.53 16.14 -12.61
N ILE A 180 9.79 15.47 -11.50
CA ILE A 180 11.04 15.62 -10.73
C ILE A 180 11.64 14.24 -10.39
N TYR A 181 12.96 14.25 -10.18
CA TYR A 181 13.68 13.07 -9.67
C TYR A 181 14.10 13.40 -8.25
N VAL A 182 14.08 12.41 -7.38
CA VAL A 182 14.33 12.64 -5.95
C VAL A 182 15.33 11.60 -5.41
N ILE A 183 16.23 12.07 -4.53
CA ILE A 183 17.11 11.18 -3.75
C ILE A 183 16.87 11.43 -2.28
N VAL A 184 16.90 10.36 -1.54
CA VAL A 184 16.83 10.39 -0.06
C VAL A 184 18.22 9.98 0.45
N THR A 185 18.80 10.77 1.36
CA THR A 185 20.05 10.43 2.07
C THR A 185 19.84 10.52 3.57
N ARG A 186 20.83 10.10 4.34
CA ARG A 186 20.74 10.20 5.76
C ARG A 186 21.25 11.57 6.13
N ASN A 187 20.64 12.19 7.12
CA ASN A 187 21.08 13.52 7.62
C ASN A 187 22.47 13.38 8.23
N VAL A 188 23.39 14.28 7.91
CA VAL A 188 24.71 14.33 8.59
C VAL A 188 24.45 14.74 10.02
N PHE A 189 23.48 15.62 10.23
CA PHE A 189 23.22 16.25 11.55
C PHE A 189 22.34 15.32 12.39
N SER A 190 22.35 15.59 13.68
CA SER A 190 21.56 14.95 14.76
C SER A 190 20.05 15.17 14.52
N HIS A 191 19.26 14.14 14.79
CA HIS A 191 17.78 14.21 14.77
C HIS A 191 17.30 14.99 15.99
N ARG A 192 18.09 15.16 17.02
CA ARG A 192 17.65 15.81 18.25
C ARG A 192 18.53 17.02 18.61
N LEU A 193 19.86 16.91 18.57
CA LEU A 193 20.80 17.99 18.99
C LEU A 193 20.88 19.06 17.90
N SER A 194 20.66 20.31 18.22
CA SER A 194 20.62 21.36 17.17
C SER A 194 22.06 21.78 16.78
N VAL A 195 22.23 22.26 15.56
CA VAL A 195 23.48 22.78 14.96
C VAL A 195 23.42 24.30 14.99
N TYR A 196 24.32 24.99 15.67
CA TYR A 196 24.31 26.46 15.65
C TYR A 196 25.28 26.97 14.58
N ARG A 197 26.10 26.11 14.00
CA ARG A 197 27.08 26.56 12.99
C ARG A 197 27.34 25.44 12.00
N LYS A 198 27.32 25.73 10.72
CA LYS A 198 27.54 24.69 9.71
C LYS A 198 28.45 25.21 8.57
N TYR A 199 29.37 24.33 8.13
CA TYR A 199 30.31 24.58 7.02
C TYR A 199 30.22 23.53 5.93
N ASP A 200 30.19 24.01 4.69
CA ASP A 200 30.38 23.25 3.43
C ASP A 200 31.85 23.51 2.98
N LEU A 201 32.73 22.52 3.13
CA LEU A 201 34.21 22.63 3.01
C LEU A 201 34.71 21.83 1.80
N LYS A 202 35.58 22.45 1.01
CA LYS A 202 36.17 21.82 -0.19
C LYS A 202 37.71 22.01 -0.23
N GLY A 203 38.20 23.24 -0.06
CA GLY A 203 39.62 23.60 -0.28
C GLY A 203 39.82 24.25 -1.64
N SER A 204 40.89 25.01 -1.75
CA SER A 204 41.59 25.38 -3.02
C SER A 204 40.59 26.05 -3.97
N THR A 205 39.66 26.84 -3.43
CA THR A 205 38.70 27.62 -4.25
C THR A 205 38.70 29.12 -3.85
N VAL A 206 39.25 29.94 -4.75
CA VAL A 206 39.36 31.42 -4.54
C VAL A 206 37.91 31.87 -4.22
N ALA A 207 37.74 32.72 -3.20
CA ALA A 207 36.51 33.48 -2.89
C ALA A 207 35.40 32.56 -2.41
N ARG A 208 35.71 31.31 -2.07
CA ARG A 208 34.70 30.33 -1.59
C ARG A 208 34.35 30.66 -0.13
N GLU A 209 33.24 31.36 0.05
CA GLU A 209 32.81 31.95 1.34
C GLU A 209 31.34 32.34 1.20
N ALA A 210 30.61 32.52 2.28
CA ALA A 210 29.14 32.72 2.18
C ALA A 210 28.85 34.14 1.65
N SER A 211 27.79 34.36 0.86
CA SER A 211 27.36 35.74 0.50
C SER A 211 26.90 36.49 1.75
N ASP A 212 26.66 37.79 1.58
CA ASP A 212 26.04 38.68 2.61
C ASP A 212 24.64 38.17 2.96
N LYS A 213 23.80 37.84 1.98
CA LYS A 213 22.40 37.37 2.23
C LYS A 213 22.44 36.08 3.05
N GLU A 214 23.37 35.19 2.70
CA GLU A 214 23.51 33.88 3.38
C GLU A 214 23.90 34.16 4.85
N LYS A 215 24.81 35.10 5.10
CA LYS A 215 25.35 35.28 6.47
C LYS A 215 24.29 35.96 7.35
N ALA A 216 23.29 36.55 6.71
CA ALA A 216 22.18 37.27 7.38
C ALA A 216 21.13 36.25 7.84
N LYS A 217 21.22 34.98 7.45
CA LYS A 217 20.18 34.01 7.85
C LYS A 217 20.46 33.52 9.26
N GLU A 218 19.48 32.81 9.81
CA GLU A 218 19.46 32.09 11.10
C GLU A 218 20.65 31.13 11.14
N LEU A 219 20.66 30.15 10.26
CA LEU A 219 21.75 29.15 10.20
C LEU A 219 22.37 29.23 8.81
N PRO A 220 23.35 30.13 8.62
CA PRO A 220 24.02 30.27 7.33
C PRO A 220 24.76 28.99 6.92
N THR A 221 24.83 28.66 5.63
CA THR A 221 25.81 27.65 5.16
C THR A 221 27.15 28.35 4.92
N LEU A 222 28.05 28.33 5.91
CA LEU A 222 29.38 28.99 5.77
C LEU A 222 30.27 28.05 4.93
N LYS A 223 31.39 28.60 4.48
CA LYS A 223 32.29 27.91 3.53
C LYS A 223 33.74 28.10 3.97
N ASP A 224 34.70 27.68 3.11
CA ASP A 224 36.14 27.52 3.45
C ASP A 224 36.66 28.79 4.10
N ASN A 225 36.50 29.97 3.47
CA ASN A 225 37.15 31.20 3.99
C ASN A 225 36.47 31.62 5.28
N ASP A 226 35.16 31.36 5.43
CA ASP A 226 34.45 31.63 6.71
C ASP A 226 35.10 30.78 7.80
N PHE A 227 35.40 29.51 7.51
CA PHE A 227 35.96 28.59 8.52
C PHE A 227 37.32 29.12 8.99
N ILE A 228 38.16 29.48 8.02
CA ILE A 228 39.49 30.09 8.34
C ILE A 228 39.28 31.44 9.05
N ASN A 229 38.50 32.37 8.50
CA ASN A 229 38.59 33.78 8.98
C ASN A 229 37.87 33.92 10.32
N GLU A 230 36.97 33.00 10.70
CA GLU A 230 36.25 33.08 12.01
C GLU A 230 37.08 32.37 13.09
N GLY A 231 38.23 31.80 12.75
CA GLY A 231 39.06 31.12 13.74
C GLY A 231 38.48 29.77 14.12
N GLN A 232 37.65 29.16 13.27
CA GLN A 232 36.94 27.93 13.64
C GLN A 232 37.99 26.87 13.96
N LYS A 233 37.92 26.30 15.16
CA LYS A 233 38.67 25.06 15.53
C LYS A 233 37.67 23.93 15.73
N ILE A 234 38.14 22.69 15.60
CA ILE A 234 37.38 21.45 15.88
C ILE A 234 38.21 20.62 16.87
N TYR A 235 37.72 20.44 18.10
CA TYR A 235 38.48 19.86 19.24
C TYR A 235 38.08 18.40 19.42
N ILE A 236 38.65 17.50 18.62
CA ILE A 236 38.47 16.02 18.82
C ILE A 236 39.81 15.41 19.27
N ASP A 237 39.80 14.28 19.97
CA ASP A 237 41.05 13.71 20.55
C ASP A 237 41.87 13.09 19.39
N ASP A 238 43.16 12.76 19.62
CA ASP A 238 44.08 12.26 18.56
C ASP A 238 43.48 10.97 17.95
N ASN A 239 42.94 10.10 18.77
CA ASN A 239 42.34 8.84 18.30
C ASN A 239 41.17 9.12 17.31
N ASN A 240 40.21 9.96 17.71
CA ASN A 240 39.02 10.25 16.86
C ASN A 240 39.49 10.89 15.55
N LYS A 241 40.46 11.80 15.61
CA LYS A 241 41.03 12.46 14.39
C LYS A 241 41.60 11.41 13.44
N LYS A 242 42.40 10.49 13.96
CA LYS A 242 43.13 9.49 13.14
C LYS A 242 42.10 8.54 12.50
N VAL A 243 41.13 8.03 13.27
CA VAL A 243 40.02 7.19 12.78
C VAL A 243 39.23 7.96 11.70
N PHE A 244 38.90 9.22 11.94
CA PHE A 244 38.05 9.99 10.99
C PHE A 244 38.82 10.23 9.67
N LEU A 245 40.06 10.68 9.78
CA LEU A 245 40.90 11.02 8.60
C LEU A 245 41.19 9.72 7.83
N GLU A 246 41.41 8.59 8.52
CA GLU A 246 41.59 7.27 7.84
C GLU A 246 40.32 6.89 7.06
N LYS A 247 39.11 7.10 7.57
CA LYS A 247 37.89 6.84 6.76
C LYS A 247 37.83 7.80 5.58
N LEU A 248 38.04 9.07 5.84
CA LEU A 248 37.92 10.08 4.77
C LEU A 248 38.82 9.66 3.61
N LYS A 249 40.06 9.29 3.89
CA LYS A 249 41.07 8.95 2.84
C LYS A 249 40.51 7.84 1.92
N LYS A 250 40.05 6.73 2.50
CA LYS A 250 39.48 5.55 1.79
C LYS A 250 38.29 5.98 0.96
N ASP A 251 37.40 6.73 1.57
CA ASP A 251 36.16 7.16 0.89
C ASP A 251 36.55 8.07 -0.28
N VAL A 252 37.48 9.00 -0.07
CA VAL A 252 37.89 10.00 -1.10
C VAL A 252 38.73 9.33 -2.21
N GLU A 253 39.41 8.26 -1.89
CA GLU A 253 40.22 7.48 -2.88
C GLU A 253 39.26 6.71 -3.79
N PHE A 254 38.24 6.13 -3.18
CA PHE A 254 37.11 5.50 -3.90
C PHE A 254 36.42 6.47 -4.86
N LEU A 255 36.08 7.66 -4.37
CA LEU A 255 35.48 8.71 -5.24
C LEU A 255 36.40 9.05 -6.42
N ALA A 256 37.70 9.20 -6.19
CA ALA A 256 38.69 9.52 -7.27
C ALA A 256 38.76 8.34 -8.27
N GLN A 257 38.59 7.08 -7.84
CA GLN A 257 38.59 5.89 -8.75
C GLN A 257 37.36 5.93 -9.65
N LEU A 258 36.24 6.42 -9.16
CA LEU A 258 34.97 6.60 -9.92
C LEU A 258 35.03 7.86 -10.78
N LYS A 259 36.08 8.66 -10.65
CA LYS A 259 36.27 9.93 -11.41
C LYS A 259 35.24 10.98 -10.96
N LEU A 260 34.83 10.93 -9.71
CA LEU A 260 33.89 11.90 -9.12
C LEU A 260 34.71 13.03 -8.51
N MET A 261 34.12 14.20 -8.40
CA MET A 261 34.81 15.38 -7.83
C MET A 261 33.77 16.40 -7.38
N ASP A 262 34.23 17.48 -6.76
CA ASP A 262 33.43 18.67 -6.35
C ASP A 262 32.56 18.35 -5.14
N TYR A 263 32.87 17.27 -4.39
CA TYR A 263 32.19 16.90 -3.13
C TYR A 263 32.70 17.83 -2.01
N SER A 264 31.94 17.84 -0.94
CA SER A 264 32.15 18.71 0.23
C SER A 264 32.27 17.85 1.48
N LEU A 265 33.00 18.33 2.48
CA LEU A 265 32.80 17.87 3.88
C LEU A 265 31.80 18.86 4.46
N LEU A 266 30.68 18.34 4.94
CA LEU A 266 29.68 19.14 5.69
C LEU A 266 29.99 19.01 7.16
N VAL A 267 30.15 20.12 7.87
CA VAL A 267 30.53 20.13 9.31
C VAL A 267 29.45 20.91 10.06
N GLY A 268 28.72 20.25 10.93
CA GLY A 268 27.75 20.83 11.86
C GLY A 268 28.30 20.83 13.26
N ILE A 269 28.20 21.96 13.96
CA ILE A 269 28.66 22.07 15.37
C ILE A 269 27.45 22.29 16.28
N HIS A 270 27.31 21.42 17.29
CA HIS A 270 26.32 21.53 18.39
C HIS A 270 27.04 22.16 19.57
N ASP A 271 26.53 23.27 20.09
CA ASP A 271 27.03 23.92 21.32
C ASP A 271 26.05 23.60 22.45
N VAL A 272 26.47 22.77 23.37
CA VAL A 272 25.61 22.20 24.45
C VAL A 272 25.05 23.35 25.29
N GLU A 273 25.89 24.33 25.64
CA GLU A 273 25.53 25.44 26.54
C GLU A 273 24.61 26.41 25.79
N ARG A 274 24.79 26.59 24.48
CA ARG A 274 23.86 27.41 23.66
C ARG A 274 22.51 26.70 23.60
N ALA A 275 22.49 25.42 23.27
CA ALA A 275 21.24 24.64 23.18
C ALA A 275 20.47 24.71 24.50
N GLU A 276 21.20 24.68 25.63
CA GLU A 276 20.68 24.67 27.04
C GLU A 276 19.98 26.01 27.35
N GLN A 277 20.63 27.13 27.00
CA GLN A 277 20.10 28.49 27.25
C GLN A 277 18.80 28.68 26.47
N GLU A 278 18.68 28.12 25.25
CA GLU A 278 17.42 28.19 24.45
C GLU A 278 16.32 27.29 25.04
N GLU A 279 16.64 26.27 25.85
CA GLU A 279 15.61 25.46 26.56
C GLU A 279 15.04 26.26 27.74
N VAL A 280 15.90 26.92 28.53
CA VAL A 280 15.48 27.66 29.76
C VAL A 280 14.50 28.78 29.36
N GLU A 281 14.67 29.38 28.17
CA GLU A 281 13.73 30.41 27.61
C GLU A 281 12.34 29.76 27.51
N CYS A 282 12.22 28.66 26.75
CA CYS A 282 11.03 27.76 26.69
C CYS A 282 10.73 27.15 28.07
N PRO A 315 16.94 8.74 28.99
CA PRO A 315 17.24 10.15 29.19
C PRO A 315 18.72 10.42 28.85
N LEU A 316 18.99 10.96 27.67
CA LEU A 316 20.37 11.33 27.24
C LEU A 316 20.73 12.68 27.87
N ALA A 317 21.90 12.74 28.50
CA ALA A 317 22.42 13.94 29.18
C ALA A 317 22.73 15.00 28.12
N PRO A 318 22.96 16.26 28.53
CA PRO A 318 23.43 17.29 27.61
C PRO A 318 24.66 16.83 26.83
N GLY A 319 24.69 17.00 25.50
CA GLY A 319 25.85 16.65 24.66
C GLY A 319 25.94 15.17 24.31
N GLU A 320 25.13 14.31 24.91
CA GLU A 320 25.07 12.87 24.55
C GLU A 320 24.20 12.69 23.31
N PHE A 321 24.49 11.67 22.51
CA PHE A 321 23.69 11.32 21.33
C PHE A 321 23.67 9.79 21.18
N ASP A 322 22.67 9.24 20.50
CA ASP A 322 22.64 7.82 20.09
C ASP A 322 23.49 7.63 18.82
N PRO A 323 24.66 6.99 18.96
CA PRO A 323 25.56 6.79 17.82
C PRO A 323 24.99 5.81 16.79
N ASN A 324 23.97 5.02 17.16
CA ASN A 324 23.23 4.20 16.17
C ASN A 324 22.24 5.02 15.36
N ILE A 325 21.87 6.23 15.79
CA ILE A 325 20.98 7.10 14.97
C ILE A 325 21.79 8.25 14.36
N ASP A 326 22.51 8.98 15.21
CA ASP A 326 23.34 10.14 14.79
C ASP A 326 24.74 9.61 14.47
N VAL A 327 24.86 8.91 13.36
CA VAL A 327 26.05 8.04 13.07
C VAL A 327 27.30 8.91 12.84
N TYR A 328 27.17 10.20 12.52
CA TYR A 328 28.34 11.02 12.16
C TYR A 328 28.86 11.84 13.35
N GLY A 329 28.28 11.65 14.53
CA GLY A 329 28.61 12.41 15.73
C GLY A 329 30.01 12.10 16.25
N ILE A 330 30.76 13.13 16.64
CA ILE A 330 32.03 12.98 17.40
C ILE A 330 32.01 13.94 18.58
N LYS A 331 32.17 13.43 19.79
CA LYS A 331 32.35 14.27 21.00
C LYS A 331 33.65 15.08 20.92
N CYS A 332 33.65 16.25 21.55
CA CYS A 332 34.85 17.08 21.67
C CYS A 332 35.77 16.40 22.70
N HIS A 333 37.03 16.80 22.75
CA HIS A 333 37.93 16.26 23.78
C HIS A 333 37.70 17.05 25.07
N GLU A 334 38.22 16.49 26.17
CA GLU A 334 38.07 16.94 27.58
C GLU A 334 38.58 18.39 27.77
N ASN A 335 39.24 18.97 26.79
CA ASN A 335 39.88 20.29 26.95
C ASN A 335 39.35 21.23 25.88
N SER A 336 38.22 20.92 25.24
CA SER A 336 37.58 21.93 24.37
C SER A 336 37.29 23.17 25.20
N PRO A 337 37.47 24.39 24.65
CA PRO A 337 37.12 25.61 25.37
C PRO A 337 35.60 25.71 25.48
N ARG A 338 34.82 24.95 24.68
CA ARG A 338 33.34 24.83 24.77
C ARG A 338 32.93 23.35 24.67
N LYS A 339 31.90 22.94 25.41
CA LYS A 339 31.37 21.56 25.27
C LYS A 339 30.61 21.53 23.92
N GLU A 340 31.18 20.83 22.94
CA GLU A 340 30.65 20.77 21.57
C GLU A 340 30.57 19.31 21.12
N VAL A 341 29.71 19.07 20.14
CA VAL A 341 29.59 17.77 19.42
C VAL A 341 29.64 18.14 17.95
N TYR A 342 30.45 17.43 17.16
CA TYR A 342 30.63 17.67 15.71
C TYR A 342 29.91 16.57 14.94
N PHE A 343 29.30 16.96 13.82
CA PHE A 343 28.68 16.05 12.85
C PHE A 343 29.37 16.33 11.51
N MET A 344 30.04 15.32 10.94
CA MET A 344 30.90 15.54 9.76
C MET A 344 30.78 14.35 8.82
N ALA A 345 30.56 14.63 7.56
CA ALA A 345 30.48 13.58 6.53
C ALA A 345 30.61 14.26 5.19
N ILE A 346 30.75 13.42 4.17
CA ILE A 346 30.88 13.89 2.76
C ILE A 346 29.46 14.01 2.23
N ILE A 347 29.21 15.10 1.52
CA ILE A 347 27.96 15.27 0.75
C ILE A 347 28.32 15.63 -0.68
N ILE A 349 28.45 14.19 -4.05
CA ILE A 349 29.56 13.51 -4.70
C ILE A 349 29.39 13.43 -6.22
N LEU A 350 28.16 13.62 -6.74
CA LEU A 350 27.82 13.11 -8.09
C LEU A 350 28.17 14.16 -9.15
N THR A 351 29.44 14.51 -9.30
CA THR A 351 29.91 15.27 -10.48
C THR A 351 31.02 14.42 -11.09
N HIS A 352 30.80 13.91 -12.29
CA HIS A 352 31.76 13.10 -13.08
C HIS A 352 32.67 14.03 -13.88
N TYR A 353 33.98 13.80 -13.85
CA TYR A 353 35.03 14.61 -14.56
C TYR A 353 34.66 14.86 -16.03
N ASP A 354 34.21 13.85 -16.81
CA ASP A 354 33.76 14.05 -18.24
C ASP A 354 32.65 15.11 -18.34
N ALA A 355 31.71 15.21 -17.39
CA ALA A 355 30.76 16.34 -17.23
C ALA A 355 31.39 17.41 -16.31
N SER A 375 41.14 25.78 -15.92
CA SER A 375 41.31 25.50 -14.47
C SER A 375 40.92 24.05 -14.11
N THR A 376 40.27 23.30 -15.04
CA THR A 376 39.67 21.94 -14.81
C THR A 376 40.67 21.09 -14.02
N VAL A 377 40.42 20.91 -12.72
CA VAL A 377 41.22 19.99 -11.86
C VAL A 377 40.65 18.59 -12.07
N ASN A 378 41.50 17.58 -12.00
CA ASN A 378 41.09 16.17 -12.24
C ASN A 378 40.76 15.55 -10.89
N PRO A 379 40.07 14.38 -10.85
CA PRO A 379 39.61 13.83 -9.58
C PRO A 379 40.78 13.44 -8.67
N GLU A 380 41.92 13.03 -9.21
CA GLU A 380 43.10 12.73 -8.36
C GLU A 380 43.47 13.99 -7.56
N GLN A 381 43.69 15.07 -8.30
CA GLN A 381 44.09 16.39 -7.78
C GLN A 381 43.04 16.88 -6.80
N TYR A 382 41.76 16.77 -7.15
CA TYR A 382 40.65 17.20 -6.25
C TYR A 382 40.73 16.46 -4.90
N SER A 383 40.89 15.14 -4.95
CA SER A 383 40.94 14.24 -3.76
C SER A 383 42.14 14.63 -2.89
N LYS A 384 43.31 14.88 -3.48
CA LYS A 384 44.51 15.20 -2.67
C LYS A 384 44.30 16.55 -1.98
N ARG A 385 43.85 17.57 -2.71
CA ARG A 385 43.68 18.94 -2.18
C ARG A 385 42.66 18.91 -1.05
N PHE A 386 41.61 18.13 -1.25
CA PHE A 386 40.49 18.02 -0.29
C PHE A 386 41.04 17.41 1.00
N LEU A 387 41.71 16.26 0.91
CA LEU A 387 42.29 15.57 2.09
C LEU A 387 43.30 16.49 2.76
N ASP A 388 44.12 17.16 1.98
CA ASP A 388 45.16 18.08 2.50
C ASP A 388 44.43 19.20 3.28
N PHE A 389 43.34 19.76 2.73
CA PHE A 389 42.63 20.91 3.37
C PHE A 389 42.03 20.40 4.66
N ILE A 390 41.25 19.34 4.61
CA ILE A 390 40.60 18.81 5.83
C ILE A 390 41.67 18.47 6.85
N GLY A 391 42.74 17.77 6.50
CA GLY A 391 43.85 17.46 7.46
C GLY A 391 44.41 18.69 8.18
N HIS A 392 44.51 19.82 7.50
CA HIS A 392 45.11 21.08 8.03
C HIS A 392 44.12 21.83 8.95
N ILE A 393 42.85 21.46 9.01
CA ILE A 393 41.88 22.14 9.91
C ILE A 393 41.38 21.15 10.97
N LEU A 394 41.31 19.84 10.66
CA LEU A 394 41.20 18.64 11.57
C LEU A 394 39.89 17.81 11.35
N LEU B 18 3.25 -13.16 2.57
CA LEU B 18 2.17 -12.97 1.51
C LEU B 18 2.83 -12.46 0.22
N TYR B 19 2.86 -13.27 -0.83
CA TYR B 19 3.49 -12.88 -2.11
C TYR B 19 2.42 -12.80 -3.22
N PHE B 20 1.16 -13.17 -2.88
CA PHE B 20 0.02 -13.16 -3.83
C PHE B 20 0.30 -14.07 -5.02
N GLN B 21 1.10 -15.10 -4.83
CA GLN B 21 1.41 -16.07 -5.91
C GLN B 21 0.18 -16.91 -6.24
N SER B 22 0.05 -17.23 -7.52
CA SER B 22 -0.98 -18.16 -8.04
C SER B 22 -0.54 -18.64 -9.42
N MET B 23 -1.03 -19.79 -9.87
N MET B 23 -1.07 -19.77 -9.88
CA MET B 23 -0.87 -20.26 -11.29
CA MET B 23 -0.92 -20.28 -11.27
C MET B 23 -1.69 -19.31 -12.19
C MET B 23 -1.86 -19.50 -12.20
N ASP B 24 -2.76 -18.69 -11.65
CA ASP B 24 -3.66 -17.79 -12.42
C ASP B 24 -3.27 -16.35 -12.16
N PRO B 25 -2.68 -15.68 -13.14
CA PRO B 25 -2.22 -14.30 -13.01
C PRO B 25 -3.33 -13.32 -12.60
N LEU B 26 -4.56 -13.58 -13.01
CA LEU B 26 -5.73 -12.79 -12.67
C LEU B 26 -6.01 -12.89 -11.20
N LEU B 27 -5.88 -14.07 -10.63
CA LEU B 27 -5.96 -14.20 -9.14
C LEU B 27 -4.83 -13.44 -8.43
N SER B 28 -3.59 -13.41 -8.93
CA SER B 28 -2.55 -12.60 -8.27
C SER B 28 -2.97 -11.15 -8.29
N VAL B 29 -3.40 -10.66 -9.43
CA VAL B 29 -3.81 -9.27 -9.55
C VAL B 29 -4.99 -8.94 -8.59
N LEU B 30 -5.97 -9.81 -8.56
CA LEU B 30 -7.14 -9.64 -7.64
C LEU B 30 -6.64 -9.56 -6.20
N MET B 31 -5.74 -10.45 -5.79
N MET B 31 -5.79 -10.50 -5.79
CA MET B 31 -5.22 -10.46 -4.39
CA MET B 31 -5.23 -10.49 -4.42
C MET B 31 -4.40 -9.20 -4.10
C MET B 31 -4.49 -9.15 -4.20
N TRP B 32 -3.50 -8.84 -5.02
CA TRP B 32 -2.71 -7.57 -4.95
C TRP B 32 -3.67 -6.36 -4.87
N GLY B 33 -4.74 -6.39 -5.65
CA GLY B 33 -5.69 -5.29 -5.83
C GLY B 33 -6.50 -5.07 -4.57
N VAL B 34 -6.96 -6.16 -3.99
CA VAL B 34 -7.77 -6.05 -2.76
C VAL B 34 -6.85 -5.55 -1.68
N ASN B 35 -5.65 -6.12 -1.64
CA ASN B 35 -4.65 -5.68 -0.66
C ASN B 35 -4.44 -4.17 -0.77
N HIS B 36 -4.22 -3.68 -1.98
CA HIS B 36 -3.99 -2.24 -2.27
C HIS B 36 -5.23 -1.37 -1.94
N SER B 37 -6.40 -1.76 -2.44
CA SER B 37 -7.73 -1.16 -2.16
C SER B 37 -7.85 -0.88 -0.67
N ILE B 38 -7.73 -1.91 0.16
CA ILE B 38 -8.06 -1.77 1.62
C ILE B 38 -7.00 -0.89 2.27
N ASN B 39 -5.72 -1.07 1.92
CA ASN B 39 -4.64 -0.25 2.50
C ASN B 39 -4.86 1.24 2.15
N GLU B 40 -5.28 1.49 0.92
CA GLU B 40 -5.54 2.82 0.44
C GLU B 40 -6.67 3.46 1.23
N LEU B 41 -7.73 2.71 1.45
CA LEU B 41 -8.92 3.22 2.19
C LEU B 41 -8.58 3.50 3.64
N SER B 42 -7.58 2.84 4.20
CA SER B 42 -7.09 3.22 5.54
C SER B 42 -6.44 4.61 5.51
N HIS B 43 -6.16 5.20 4.34
CA HIS B 43 -5.63 6.60 4.24
C HIS B 43 -6.72 7.59 3.79
N VAL B 44 -7.98 7.22 3.96
CA VAL B 44 -9.14 8.00 3.48
C VAL B 44 -10.15 8.06 4.64
N GLN B 45 -10.58 9.26 5.02
CA GLN B 45 -11.60 9.47 6.10
C GLN B 45 -12.87 8.67 5.84
N ILE B 46 -13.46 8.10 6.89
CA ILE B 46 -14.85 7.56 6.86
C ILE B 46 -15.76 8.79 6.91
N PRO B 47 -16.54 9.06 5.83
CA PRO B 47 -17.44 10.21 5.83
C PRO B 47 -18.58 9.98 6.79
N VAL B 48 -19.13 11.11 7.25
CA VAL B 48 -20.43 11.21 7.94
C VAL B 48 -21.44 10.43 7.09
N MET B 49 -21.49 10.67 5.78
CA MET B 49 -22.45 9.96 4.91
C MET B 49 -21.92 10.00 3.48
N LEU B 50 -22.36 9.06 2.67
CA LEU B 50 -22.02 8.98 1.23
C LEU B 50 -22.79 10.09 0.49
N MET B 51 -22.23 10.57 -0.61
CA MET B 51 -22.82 11.63 -1.45
C MET B 51 -22.95 11.12 -2.89
N PRO B 52 -23.74 11.77 -3.77
CA PRO B 52 -23.96 11.22 -5.11
C PRO B 52 -22.67 10.91 -5.90
N ASP B 53 -21.61 11.69 -5.77
CA ASP B 53 -20.33 11.51 -6.49
C ASP B 53 -19.69 10.17 -6.09
N ASP B 54 -19.90 9.70 -4.86
CA ASP B 54 -19.29 8.43 -4.37
C ASP B 54 -19.85 7.26 -5.16
N PHE B 55 -21.02 7.42 -5.79
CA PHE B 55 -21.69 6.37 -6.60
C PHE B 55 -21.22 6.45 -8.06
N LYS B 56 -20.37 7.41 -8.48
CA LYS B 56 -19.80 7.49 -9.85
C LYS B 56 -18.26 7.54 -9.81
N ALA B 57 -17.67 7.10 -8.71
CA ALA B 57 -16.23 7.27 -8.39
C ALA B 57 -15.49 5.99 -8.75
N TYR B 58 -14.16 6.08 -8.86
CA TYR B 58 -13.33 4.88 -9.08
C TYR B 58 -11.88 5.24 -8.79
N SER B 59 -11.13 4.21 -8.47
CA SER B 59 -9.66 4.19 -8.32
C SER B 59 -9.09 3.34 -9.44
N LYS B 60 -8.09 3.82 -10.17
CA LYS B 60 -7.32 3.02 -11.16
C LYS B 60 -5.83 3.12 -10.81
N ILE B 61 -5.18 1.97 -10.88
CA ILE B 61 -3.71 1.87 -10.71
C ILE B 61 -3.19 1.01 -11.84
N LYS B 62 -2.14 1.47 -12.52
CA LYS B 62 -1.46 0.70 -13.58
C LYS B 62 -0.01 0.47 -13.11
N VAL B 63 0.44 -0.78 -13.08
CA VAL B 63 1.75 -1.17 -12.51
C VAL B 63 2.57 -1.67 -13.68
N ASP B 64 3.78 -1.12 -13.83
CA ASP B 64 4.75 -1.58 -14.85
C ASP B 64 6.10 -1.83 -14.17
N ASN B 65 6.45 -3.07 -13.94
CA ASN B 65 7.67 -3.47 -13.21
C ASN B 65 8.72 -3.95 -14.25
N HIS B 66 9.95 -3.50 -14.12
CA HIS B 66 11.10 -3.96 -14.95
C HIS B 66 12.11 -4.65 -14.03
N LEU B 67 12.26 -5.97 -14.19
CA LEU B 67 13.29 -6.79 -13.49
C LEU B 67 13.08 -6.66 -11.98
N PHE B 68 11.83 -6.56 -11.59
CA PHE B 68 11.43 -6.46 -10.17
C PHE B 68 10.22 -7.33 -9.93
N ASN B 69 10.29 -8.15 -8.89
CA ASN B 69 9.19 -9.02 -8.38
C ASN B 69 8.67 -9.87 -9.54
N LYS B 70 9.57 -10.25 -10.41
CA LYS B 70 9.28 -10.90 -11.71
C LYS B 70 8.83 -12.34 -11.46
N GLU B 71 8.92 -12.83 -10.21
CA GLU B 71 8.73 -14.25 -9.89
C GLU B 71 7.30 -14.48 -9.40
N ASN B 72 6.86 -13.70 -8.42
CA ASN B 72 5.56 -13.76 -7.71
C ASN B 72 4.41 -13.21 -8.59
N MET B 73 4.65 -12.12 -9.31
CA MET B 73 3.60 -11.23 -9.91
C MET B 73 3.94 -10.99 -11.37
N PRO B 74 2.91 -10.71 -12.17
CA PRO B 74 3.08 -10.25 -13.54
C PRO B 74 3.67 -8.84 -13.46
N SER B 75 4.41 -8.48 -14.49
CA SER B 75 5.20 -7.24 -14.53
C SER B 75 4.33 -6.09 -15.04
N HIS B 76 3.28 -6.36 -15.79
CA HIS B 76 2.38 -5.33 -16.30
C HIS B 76 0.93 -5.67 -15.97
N PHE B 77 0.23 -4.78 -15.26
CA PHE B 77 -1.18 -5.06 -14.87
C PHE B 77 -1.85 -3.75 -14.48
N LYS B 78 -3.18 -3.80 -14.49
CA LYS B 78 -4.05 -2.69 -14.06
C LYS B 78 -5.13 -3.22 -13.10
N PHE B 79 -5.56 -2.38 -12.17
CA PHE B 79 -6.56 -2.73 -11.18
C PHE B 79 -7.43 -1.48 -11.02
N LYS B 80 -8.72 -1.62 -11.24
CA LYS B 80 -9.69 -0.52 -10.99
C LYS B 80 -10.72 -0.98 -9.93
N GLU B 81 -10.99 -0.12 -8.93
CA GLU B 81 -12.03 -0.38 -7.94
C GLU B 81 -13.17 0.61 -8.24
N TYR B 82 -14.37 0.06 -8.40
CA TYR B 82 -15.60 0.89 -8.59
C TYR B 82 -16.10 1.33 -7.22
N CYS B 83 -16.48 2.61 -7.12
CA CYS B 83 -17.20 3.20 -5.98
C CYS B 83 -16.61 2.75 -4.66
N PRO B 84 -15.29 2.94 -4.40
CA PRO B 84 -14.66 2.34 -3.22
C PRO B 84 -15.34 2.79 -1.92
N MET B 85 -15.83 4.03 -1.87
CA MET B 85 -16.42 4.56 -0.62
C MET B 85 -17.77 3.83 -0.35
N VAL B 86 -18.53 3.51 -1.39
CA VAL B 86 -19.85 2.84 -1.25
C VAL B 86 -19.60 1.39 -0.77
N PHE B 87 -18.69 0.64 -1.40
CA PHE B 87 -18.48 -0.78 -1.02
C PHE B 87 -17.84 -0.83 0.36
N ARG B 88 -17.03 0.16 0.75
CA ARG B 88 -16.52 0.14 2.15
C ARG B 88 -17.72 0.30 3.09
N ASN B 89 -18.66 1.16 2.74
CA ASN B 89 -19.78 1.43 3.68
C ASN B 89 -20.66 0.17 3.75
N LEU B 90 -20.91 -0.46 2.62
CA LEU B 90 -21.68 -1.71 2.54
C LEU B 90 -21.00 -2.74 3.44
N ARG B 91 -19.67 -2.88 3.33
CA ARG B 91 -18.95 -3.90 4.13
C ARG B 91 -19.28 -3.64 5.61
N GLU B 92 -19.19 -2.38 6.06
CA GLU B 92 -19.48 -2.02 7.47
C GLU B 92 -20.95 -2.32 7.82
N ARG B 93 -21.88 -2.04 6.91
CA ARG B 93 -23.33 -2.20 7.18
C ARG B 93 -23.64 -3.69 7.25
N PHE B 94 -22.79 -4.53 6.67
CA PHE B 94 -22.97 -6.00 6.69
C PHE B 94 -22.11 -6.63 7.81
N GLY B 95 -21.53 -5.84 8.72
CA GLY B 95 -20.79 -6.34 9.89
C GLY B 95 -19.43 -6.91 9.48
N ILE B 96 -18.82 -6.40 8.41
CA ILE B 96 -17.51 -6.91 7.91
C ILE B 96 -16.43 -5.83 8.13
N ASP B 97 -15.39 -6.17 8.87
CA ASP B 97 -14.17 -5.36 9.07
C ASP B 97 -13.29 -5.46 7.82
N ASP B 98 -12.74 -4.34 7.40
CA ASP B 98 -11.93 -4.20 6.18
C ASP B 98 -10.65 -5.05 6.32
N GLN B 99 -10.01 -5.12 7.49
CA GLN B 99 -8.78 -5.97 7.63
C GLN B 99 -9.13 -7.47 7.54
N ASP B 100 -10.27 -7.90 8.07
CA ASP B 100 -10.70 -9.33 7.98
C ASP B 100 -11.01 -9.61 6.52
N PHE B 101 -11.70 -8.70 5.85
CA PHE B 101 -12.01 -8.84 4.42
C PHE B 101 -10.69 -8.93 3.64
N GLN B 102 -9.77 -7.99 3.88
CA GLN B 102 -8.46 -7.99 3.16
C GLN B 102 -7.80 -9.38 3.38
N ASN B 103 -7.77 -9.84 4.63
CA ASN B 103 -7.18 -11.14 5.04
C ASN B 103 -7.80 -12.31 4.29
N SER B 104 -9.12 -12.32 4.16
CA SER B 104 -9.87 -13.45 3.59
C SER B 104 -9.54 -13.52 2.11
N LEU B 105 -9.38 -12.37 1.44
CA LEU B 105 -9.20 -12.32 -0.02
C LEU B 105 -7.70 -12.45 -0.37
N THR B 106 -6.77 -12.32 0.56
CA THR B 106 -5.32 -12.25 0.17
C THR B 106 -4.40 -13.20 0.94
N ARG B 107 -4.75 -13.71 2.12
CA ARG B 107 -3.75 -14.50 2.89
C ARG B 107 -3.41 -15.74 2.10
N SER B 108 -4.34 -16.16 1.24
CA SER B 108 -4.20 -17.40 0.44
C SER B 108 -5.19 -17.33 -0.73
N ALA B 109 -4.82 -17.85 -1.89
CA ALA B 109 -5.53 -17.68 -3.17
C ALA B 109 -6.97 -18.20 -3.01
N PRO B 110 -8.00 -17.48 -3.52
CA PRO B 110 -9.34 -18.05 -3.72
C PRO B 110 -9.30 -19.36 -4.50
N LEU B 111 -10.20 -20.30 -4.14
CA LEU B 111 -10.23 -21.65 -4.73
C LEU B 111 -11.32 -21.75 -5.77
N PRO B 112 -11.05 -22.31 -6.96
CA PRO B 112 -12.07 -22.39 -8.01
C PRO B 112 -13.10 -23.46 -7.63
N ASN B 113 -14.38 -23.23 -7.95
CA ASN B 113 -15.50 -24.14 -7.58
C ASN B 113 -15.31 -25.49 -8.30
N ASP B 114 -14.89 -25.49 -9.58
CA ASP B 114 -15.03 -26.64 -10.52
C ASP B 114 -14.61 -26.25 -11.94
N SER B 115 -14.19 -27.24 -12.74
CA SER B 115 -13.91 -27.12 -14.20
C SER B 115 -13.31 -28.43 -14.73
N GLY B 120 -18.54 -19.71 -17.10
CA GLY B 120 -19.81 -18.95 -17.07
C GLY B 120 -20.56 -19.30 -15.79
N ALA B 121 -20.65 -20.60 -15.49
CA ALA B 121 -21.02 -21.18 -14.18
C ALA B 121 -19.86 -21.10 -13.15
N ARG B 122 -18.64 -20.78 -13.57
CA ARG B 122 -17.45 -20.83 -12.68
C ARG B 122 -17.53 -19.69 -11.67
N PHE B 123 -17.06 -19.98 -10.48
CA PHE B 123 -16.88 -18.99 -9.40
C PHE B 123 -15.70 -19.46 -8.56
N HIS B 124 -15.20 -18.55 -7.75
CA HIS B 124 -14.22 -18.86 -6.69
C HIS B 124 -14.85 -18.57 -5.33
N THR B 125 -14.30 -19.26 -4.33
CA THR B 125 -14.51 -19.08 -2.89
C THR B 125 -13.20 -18.57 -2.27
N SER B 126 -13.28 -17.55 -1.44
CA SER B 126 -12.14 -17.14 -0.58
C SER B 126 -11.59 -18.40 0.11
N TYR B 127 -10.33 -18.40 0.54
CA TYR B 127 -9.67 -19.63 1.04
C TYR B 127 -10.35 -20.07 2.33
N ASP B 128 -10.89 -19.11 3.10
CA ASP B 128 -11.59 -19.36 4.39
C ASP B 128 -13.13 -19.51 4.17
N LYS B 129 -13.57 -19.58 2.91
CA LYS B 129 -14.97 -19.88 2.49
C LYS B 129 -15.99 -18.84 3.00
N ARG B 130 -15.57 -17.59 3.21
CA ARG B 130 -16.49 -16.53 3.69
C ARG B 130 -17.10 -15.77 2.53
N TYR B 131 -16.41 -15.71 1.40
CA TYR B 131 -16.80 -14.87 0.25
C TYR B 131 -16.74 -15.66 -1.06
N ILE B 132 -17.51 -15.14 -2.02
CA ILE B 132 -17.70 -15.67 -3.37
C ILE B 132 -17.12 -14.60 -4.29
N ILE B 133 -16.38 -15.01 -5.30
CA ILE B 133 -15.80 -14.07 -6.29
C ILE B 133 -16.27 -14.59 -7.63
N LYS B 134 -16.83 -13.72 -8.45
CA LYS B 134 -17.47 -14.09 -9.73
C LYS B 134 -17.09 -13.06 -10.78
N THR B 135 -16.73 -13.54 -11.97
CA THR B 135 -16.40 -12.72 -13.17
C THR B 135 -17.75 -12.27 -13.74
N ILE B 136 -17.89 -10.98 -14.04
CA ILE B 136 -19.17 -10.40 -14.53
C ILE B 136 -18.84 -9.64 -15.80
N THR B 137 -19.84 -9.17 -16.53
CA THR B 137 -19.68 -8.53 -17.84
C THR B 137 -19.67 -7.02 -17.61
N SER B 138 -19.27 -6.24 -18.61
CA SER B 138 -19.26 -4.76 -18.49
C SER B 138 -20.72 -4.28 -18.34
N GLU B 139 -21.65 -4.99 -19.00
CA GLU B 139 -23.13 -4.83 -18.87
C GLU B 139 -23.52 -5.02 -17.39
N ASP B 140 -23.02 -6.04 -16.69
CA ASP B 140 -23.29 -6.18 -15.25
C ASP B 140 -22.78 -4.92 -14.54
N VAL B 141 -21.57 -4.44 -14.87
CA VAL B 141 -20.94 -3.33 -14.14
C VAL B 141 -21.83 -2.10 -14.32
N ALA B 142 -22.39 -1.90 -15.49
CA ALA B 142 -23.26 -0.75 -15.81
C ALA B 142 -24.60 -0.87 -15.02
N GLU B 143 -25.12 -2.09 -14.85
CA GLU B 143 -26.43 -2.34 -14.19
C GLU B 143 -26.24 -2.16 -12.68
N MET B 144 -25.09 -2.58 -12.13
N MET B 144 -25.08 -2.57 -12.12
CA MET B 144 -24.74 -2.36 -10.70
CA MET B 144 -24.73 -2.36 -10.69
C MET B 144 -24.76 -0.85 -10.41
C MET B 144 -24.69 -0.86 -10.37
N HIS B 145 -24.06 -0.05 -11.22
CA HIS B 145 -24.03 1.41 -11.09
C HIS B 145 -25.48 1.94 -11.14
N ASN B 146 -26.31 1.38 -12.03
CA ASN B 146 -27.73 1.80 -12.21
C ASN B 146 -28.50 1.52 -10.92
N ILE B 147 -28.25 0.44 -10.19
CA ILE B 147 -29.07 0.08 -9.00
C ILE B 147 -28.43 0.52 -7.67
N LEU B 148 -27.18 1.00 -7.67
CA LEU B 148 -26.33 1.02 -6.47
C LEU B 148 -26.85 2.06 -5.47
N LYS B 149 -27.31 3.23 -5.87
CA LYS B 149 -27.88 4.19 -4.89
C LYS B 149 -29.14 3.60 -4.25
N LYS B 150 -30.06 3.01 -5.01
CA LYS B 150 -31.26 2.40 -4.39
C LYS B 150 -30.88 1.19 -3.54
N TYR B 151 -29.93 0.38 -3.98
CA TYR B 151 -29.52 -0.79 -3.19
C TYR B 151 -28.96 -0.26 -1.88
N HIS B 152 -28.00 0.68 -1.92
CA HIS B 152 -27.36 1.15 -0.67
C HIS B 152 -28.43 1.67 0.32
N GLN B 153 -29.36 2.49 -0.14
CA GLN B 153 -30.42 3.11 0.70
C GLN B 153 -31.36 2.02 1.20
N TYR B 154 -31.59 0.96 0.43
CA TYR B 154 -32.38 -0.20 0.92
C TYR B 154 -31.61 -0.85 2.08
N ILE B 155 -30.29 -1.06 1.92
CA ILE B 155 -29.43 -1.65 3.00
C ILE B 155 -29.48 -0.73 4.23
N VAL B 156 -29.48 0.59 4.07
CA VAL B 156 -29.59 1.52 5.23
C VAL B 156 -30.92 1.25 5.96
N GLU B 157 -32.00 1.12 5.20
CA GLU B 157 -33.40 1.09 5.71
C GLU B 157 -33.63 -0.23 6.45
N CYS B 158 -33.10 -1.34 5.96
CA CYS B 158 -33.28 -2.67 6.60
C CYS B 158 -32.16 -2.97 7.62
N HIS B 159 -31.28 -1.99 7.92
CA HIS B 159 -30.19 -2.14 8.94
C HIS B 159 -29.28 -3.33 8.57
N GLY B 160 -29.06 -3.57 7.28
CA GLY B 160 -28.22 -4.70 6.84
C GLY B 160 -28.88 -6.06 7.05
N ILE B 161 -30.14 -6.11 7.44
CA ILE B 161 -30.88 -7.39 7.62
C ILE B 161 -31.65 -7.65 6.32
N THR B 162 -31.23 -8.62 5.50
CA THR B 162 -31.83 -8.86 4.17
C THR B 162 -31.34 -10.20 3.65
N LEU B 163 -32.03 -10.79 2.69
CA LEU B 163 -31.55 -12.02 2.04
C LEU B 163 -30.99 -11.66 0.68
N LEU B 164 -30.94 -10.38 0.33
CA LEU B 164 -30.29 -9.97 -0.94
C LEU B 164 -28.83 -10.42 -0.88
N PRO B 165 -28.21 -10.52 -2.06
CA PRO B 165 -26.77 -10.59 -2.15
C PRO B 165 -26.18 -9.34 -1.50
N GLN B 166 -25.15 -9.58 -0.68
CA GLN B 166 -24.26 -8.54 -0.11
C GLN B 166 -23.11 -8.31 -1.07
N PHE B 167 -23.16 -7.16 -1.76
CA PHE B 167 -22.15 -6.73 -2.75
C PHE B 167 -21.03 -6.04 -1.99
N LEU B 168 -19.82 -6.62 -1.95
CA LEU B 168 -18.76 -6.23 -1.00
C LEU B 168 -17.61 -5.51 -1.69
N GLY B 169 -17.55 -5.58 -3.01
CA GLY B 169 -16.43 -5.09 -3.81
C GLY B 169 -16.66 -5.40 -5.26
N MET B 170 -16.33 -4.45 -6.11
CA MET B 170 -16.46 -4.63 -7.57
C MET B 170 -15.23 -4.06 -8.25
N TYR B 171 -14.65 -4.80 -9.17
CA TYR B 171 -13.30 -4.46 -9.68
C TYR B 171 -13.16 -4.77 -11.14
N ARG B 172 -12.16 -4.15 -11.78
CA ARG B 172 -11.75 -4.51 -13.17
C ARG B 172 -10.25 -4.77 -13.15
N LEU B 173 -9.86 -5.92 -13.67
CA LEU B 173 -8.52 -6.41 -13.75
C LEU B 173 -8.04 -6.54 -15.19
N ASN B 174 -6.78 -6.20 -15.43
CA ASN B 174 -6.18 -6.31 -16.74
C ASN B 174 -4.78 -6.91 -16.60
N VAL B 175 -4.51 -8.00 -17.28
CA VAL B 175 -3.18 -8.57 -17.27
C VAL B 175 -2.93 -9.37 -18.53
N ASP B 176 -1.83 -9.07 -19.20
CA ASP B 176 -1.43 -9.76 -20.41
C ASP B 176 -2.48 -9.80 -21.49
N GLY B 177 -3.07 -8.65 -21.75
CA GLY B 177 -4.08 -8.55 -22.78
C GLY B 177 -5.49 -8.92 -22.39
N VAL B 178 -5.70 -9.53 -21.24
CA VAL B 178 -7.04 -9.94 -20.84
C VAL B 178 -7.61 -9.12 -19.69
N GLU B 179 -8.83 -8.69 -19.95
CA GLU B 179 -9.59 -7.78 -19.05
C GLU B 179 -10.80 -8.55 -18.53
N ILE B 180 -11.02 -8.55 -17.22
CA ILE B 180 -12.25 -9.11 -16.61
C ILE B 180 -12.72 -8.15 -15.54
N TYR B 181 -14.02 -8.21 -15.27
CA TYR B 181 -14.70 -7.48 -14.18
C TYR B 181 -15.06 -8.52 -13.13
N VAL B 182 -15.02 -8.14 -11.87
CA VAL B 182 -15.23 -9.10 -10.78
C VAL B 182 -16.11 -8.50 -9.71
N ILE B 183 -17.04 -9.29 -9.16
CA ILE B 183 -17.87 -8.89 -7.97
C ILE B 183 -17.52 -9.88 -6.89
N VAL B 184 -17.47 -9.39 -5.67
CA VAL B 184 -17.32 -10.19 -4.44
C VAL B 184 -18.63 -10.12 -3.66
N THR B 185 -19.17 -11.27 -3.29
CA THR B 185 -20.39 -11.33 -2.41
C THR B 185 -20.11 -12.20 -1.18
N ARG B 186 -21.06 -12.30 -0.29
CA ARG B 186 -20.90 -13.16 0.83
C ARG B 186 -21.42 -14.54 0.48
N ASN B 187 -20.70 -15.56 0.91
CA ASN B 187 -21.14 -16.98 0.83
C ASN B 187 -22.53 -17.09 1.50
N VAL B 188 -23.52 -17.62 0.82
CA VAL B 188 -24.79 -18.06 1.49
C VAL B 188 -24.45 -19.15 2.51
N PHE B 189 -23.58 -20.09 2.16
CA PHE B 189 -23.24 -21.26 2.99
C PHE B 189 -22.24 -20.89 4.09
N SER B 190 -22.15 -21.80 5.06
CA SER B 190 -21.30 -21.77 6.26
C SER B 190 -19.83 -21.78 5.84
N HIS B 191 -18.98 -21.03 6.53
CA HIS B 191 -17.51 -21.09 6.36
C HIS B 191 -16.96 -22.43 6.91
N ARG B 192 -17.75 -23.25 7.63
CA ARG B 192 -17.31 -24.45 8.39
C ARG B 192 -18.21 -25.66 8.10
N LEU B 193 -19.49 -25.56 8.39
CA LEU B 193 -20.44 -26.65 8.18
C LEU B 193 -20.61 -27.05 6.74
N SER B 194 -20.40 -28.31 6.45
CA SER B 194 -20.54 -28.82 5.07
C SER B 194 -22.02 -28.81 4.67
N VAL B 195 -22.28 -28.51 3.40
CA VAL B 195 -23.57 -28.73 2.72
C VAL B 195 -23.54 -30.05 1.98
N TYR B 196 -24.51 -30.91 2.22
CA TYR B 196 -24.61 -32.23 1.55
C TYR B 196 -25.59 -32.13 0.37
N ARG B 197 -26.31 -31.01 0.24
CA ARG B 197 -27.42 -30.85 -0.72
C ARG B 197 -27.70 -29.38 -1.00
N LYS B 198 -27.90 -29.04 -2.25
CA LYS B 198 -27.94 -27.63 -2.65
C LYS B 198 -28.97 -27.43 -3.75
N TYR B 199 -29.84 -26.43 -3.61
CA TYR B 199 -30.87 -26.13 -4.63
C TYR B 199 -30.81 -24.67 -5.08
N ASP B 200 -30.96 -24.46 -6.38
CA ASP B 200 -31.20 -23.15 -7.00
C ASP B 200 -32.70 -23.13 -7.30
N LEU B 201 -33.51 -22.37 -6.54
CA LEU B 201 -34.99 -22.37 -6.70
C LEU B 201 -35.46 -21.03 -7.26
N LYS B 202 -36.32 -21.07 -8.28
CA LYS B 202 -36.87 -19.87 -8.93
C LYS B 202 -38.40 -19.77 -8.88
N GLY B 203 -39.09 -20.90 -8.73
CA GLY B 203 -40.55 -21.03 -8.87
C GLY B 203 -40.99 -20.94 -10.32
N SER B 204 -40.11 -21.13 -11.30
CA SER B 204 -40.56 -21.21 -12.70
C SER B 204 -41.32 -22.52 -12.85
N THR B 205 -42.63 -22.39 -13.11
CA THR B 205 -43.57 -23.50 -13.46
C THR B 205 -42.97 -24.19 -14.71
N VAL B 206 -42.27 -23.43 -15.55
CA VAL B 206 -41.43 -23.98 -16.66
C VAL B 206 -40.51 -25.10 -16.11
N ALA B 207 -39.92 -25.89 -17.00
CA ALA B 207 -39.03 -27.04 -16.70
C ALA B 207 -37.68 -26.55 -16.17
N ARG B 208 -37.28 -27.10 -15.02
CA ARG B 208 -36.10 -26.71 -14.19
C ARG B 208 -35.58 -27.93 -13.43
N GLU B 209 -34.67 -28.65 -14.05
CA GLU B 209 -34.21 -30.00 -13.64
C GLU B 209 -32.68 -29.97 -13.78
N ALA B 210 -31.87 -30.38 -12.81
CA ALA B 210 -30.40 -30.52 -13.01
C ALA B 210 -30.12 -31.58 -14.08
N SER B 211 -29.08 -31.39 -14.89
CA SER B 211 -28.65 -32.34 -15.95
C SER B 211 -28.15 -33.64 -15.32
N ASP B 212 -28.03 -34.68 -16.14
CA ASP B 212 -27.39 -35.95 -15.73
C ASP B 212 -25.93 -35.66 -15.37
N LYS B 213 -25.23 -34.82 -16.15
CA LYS B 213 -23.81 -34.44 -15.85
C LYS B 213 -23.77 -33.75 -14.49
N GLU B 214 -24.53 -32.67 -14.33
CA GLU B 214 -24.67 -31.97 -13.03
C GLU B 214 -24.86 -33.03 -11.92
N LYS B 215 -25.77 -33.98 -12.10
CA LYS B 215 -26.17 -34.89 -11.00
C LYS B 215 -25.08 -35.91 -10.69
N ALA B 216 -24.07 -36.09 -11.55
CA ALA B 216 -22.96 -37.04 -11.33
C ALA B 216 -21.97 -36.43 -10.34
N LYS B 217 -22.05 -35.13 -10.09
CA LYS B 217 -21.01 -34.49 -9.24
C LYS B 217 -21.26 -34.84 -7.76
N GLU B 218 -20.25 -34.53 -6.95
CA GLU B 218 -20.14 -34.70 -5.49
C GLU B 218 -21.28 -33.87 -4.88
N LEU B 219 -21.35 -32.61 -5.24
CA LEU B 219 -22.43 -31.69 -4.79
C LEU B 219 -23.13 -31.06 -6.00
N PRO B 220 -24.16 -31.68 -6.62
CA PRO B 220 -24.87 -31.03 -7.71
C PRO B 220 -25.67 -29.80 -7.28
N THR B 221 -25.81 -28.85 -8.20
CA THR B 221 -26.77 -27.73 -8.11
C THR B 221 -28.16 -28.24 -8.55
N LEU B 222 -29.02 -28.65 -7.62
CA LEU B 222 -30.36 -29.21 -7.94
C LEU B 222 -31.32 -28.04 -8.15
N LYS B 223 -32.44 -28.24 -8.82
CA LYS B 223 -33.37 -27.15 -9.18
C LYS B 223 -34.80 -27.51 -8.75
N ASP B 224 -35.74 -26.63 -9.11
CA ASP B 224 -37.15 -26.63 -8.62
C ASP B 224 -37.68 -28.06 -8.70
N ASN B 225 -37.63 -28.68 -9.87
CA ASN B 225 -38.32 -29.98 -10.10
C ASN B 225 -37.56 -31.10 -9.37
N ASP B 226 -36.25 -30.92 -9.11
CA ASP B 226 -35.45 -31.89 -8.31
C ASP B 226 -36.00 -31.85 -6.88
N PHE B 227 -36.20 -30.65 -6.32
CA PHE B 227 -36.74 -30.41 -4.95
C PHE B 227 -38.12 -31.10 -4.77
N ILE B 228 -39.02 -30.93 -5.73
CA ILE B 228 -40.37 -31.55 -5.74
C ILE B 228 -40.23 -33.06 -5.86
N ASN B 229 -39.50 -33.56 -6.85
CA ASN B 229 -39.43 -35.02 -7.14
C ASN B 229 -38.72 -35.73 -6.00
N GLU B 230 -37.84 -35.07 -5.24
CA GLU B 230 -37.18 -35.73 -4.08
C GLU B 230 -38.05 -35.62 -2.82
N GLY B 231 -39.14 -34.84 -2.82
CA GLY B 231 -39.94 -34.53 -1.62
C GLY B 231 -39.08 -33.98 -0.49
N GLN B 232 -38.12 -33.12 -0.86
CA GLN B 232 -37.27 -32.37 0.08
C GLN B 232 -38.13 -31.55 1.02
N LYS B 233 -37.80 -31.59 2.32
CA LYS B 233 -38.50 -30.85 3.38
C LYS B 233 -37.53 -29.94 4.08
N ILE B 234 -37.93 -28.70 4.30
CA ILE B 234 -37.22 -27.74 5.18
C ILE B 234 -38.10 -27.46 6.39
N TYR B 235 -37.69 -27.96 7.55
CA TYR B 235 -38.48 -27.89 8.80
C TYR B 235 -37.89 -26.77 9.67
N ILE B 236 -38.52 -25.60 9.58
N ILE B 236 -38.45 -25.56 9.60
CA ILE B 236 -38.24 -24.37 10.39
CA ILE B 236 -38.09 -24.45 10.52
C ILE B 236 -39.40 -24.14 11.36
C ILE B 236 -39.33 -24.02 11.30
N ASP B 237 -39.14 -23.60 12.55
CA ASP B 237 -40.25 -23.27 13.49
C ASP B 237 -40.98 -22.01 12.99
N ASP B 238 -42.20 -21.82 13.48
CA ASP B 238 -43.16 -20.81 13.00
C ASP B 238 -42.53 -19.43 13.08
N ASN B 239 -41.83 -19.12 14.17
CA ASN B 239 -41.19 -17.78 14.29
C ASN B 239 -40.10 -17.59 13.21
N ASN B 240 -39.19 -18.54 13.03
CA ASN B 240 -38.09 -18.37 12.05
C ASN B 240 -38.68 -18.20 10.65
N LYS B 241 -39.68 -18.97 10.31
CA LYS B 241 -40.34 -18.93 8.97
C LYS B 241 -40.98 -17.57 8.73
N LYS B 242 -41.76 -17.08 9.69
CA LYS B 242 -42.41 -15.76 9.63
C LYS B 242 -41.33 -14.70 9.34
N VAL B 243 -40.28 -14.62 10.17
CA VAL B 243 -39.19 -13.63 10.01
C VAL B 243 -38.57 -13.80 8.62
N PHE B 244 -38.31 -15.04 8.22
CA PHE B 244 -37.66 -15.33 6.91
C PHE B 244 -38.59 -14.90 5.76
N LEU B 245 -39.87 -15.29 5.73
CA LEU B 245 -40.77 -14.93 4.59
C LEU B 245 -41.07 -13.40 4.55
N GLU B 246 -41.16 -12.76 5.72
CA GLU B 246 -41.31 -11.27 5.84
C GLU B 246 -40.12 -10.56 5.20
N LYS B 247 -38.86 -10.91 5.52
CA LYS B 247 -37.65 -10.40 4.81
C LYS B 247 -37.72 -10.72 3.32
N LEU B 248 -37.94 -11.98 2.96
CA LEU B 248 -37.97 -12.39 1.53
C LEU B 248 -38.97 -11.52 0.75
N LYS B 249 -40.19 -11.32 1.32
CA LYS B 249 -41.24 -10.46 0.70
C LYS B 249 -40.67 -9.05 0.43
N LYS B 250 -40.17 -8.38 1.45
CA LYS B 250 -39.64 -6.99 1.31
C LYS B 250 -38.54 -6.98 0.25
N ASP B 251 -37.65 -7.98 0.26
CA ASP B 251 -36.44 -8.03 -0.64
C ASP B 251 -36.90 -8.17 -2.09
N VAL B 252 -37.79 -9.14 -2.30
CA VAL B 252 -38.35 -9.45 -3.64
C VAL B 252 -39.23 -8.28 -4.14
N GLU B 253 -39.96 -7.59 -3.29
CA GLU B 253 -40.73 -6.38 -3.71
C GLU B 253 -39.74 -5.27 -4.16
N PHE B 254 -38.60 -5.12 -3.48
CA PHE B 254 -37.55 -4.17 -3.91
C PHE B 254 -37.02 -4.56 -5.30
N LEU B 255 -36.71 -5.85 -5.52
CA LEU B 255 -36.19 -6.33 -6.83
C LEU B 255 -37.20 -6.03 -7.91
N ALA B 256 -38.48 -6.35 -7.69
CA ALA B 256 -39.52 -6.09 -8.68
C ALA B 256 -39.57 -4.57 -8.96
N GLN B 257 -39.40 -3.74 -7.93
CA GLN B 257 -39.45 -2.25 -8.14
C GLN B 257 -38.26 -1.80 -8.98
N LEU B 258 -37.10 -2.44 -8.86
CA LEU B 258 -35.90 -2.14 -9.71
C LEU B 258 -36.07 -2.79 -11.09
N LYS B 259 -37.10 -3.61 -11.26
CA LYS B 259 -37.42 -4.28 -12.55
C LYS B 259 -36.35 -5.35 -12.82
N LEU B 260 -35.89 -5.97 -11.75
CA LEU B 260 -34.95 -7.10 -11.76
C LEU B 260 -35.75 -8.40 -11.70
N MET B 261 -35.21 -9.44 -12.32
CA MET B 261 -35.83 -10.77 -12.33
C MET B 261 -34.78 -11.86 -12.51
N ASP B 262 -35.25 -13.11 -12.48
CA ASP B 262 -34.50 -14.33 -12.87
C ASP B 262 -33.53 -14.71 -11.76
N TYR B 263 -33.73 -14.16 -10.56
CA TYR B 263 -32.97 -14.45 -9.33
C TYR B 263 -33.43 -15.79 -8.77
N SER B 264 -32.61 -16.40 -7.92
CA SER B 264 -32.95 -17.71 -7.32
C SER B 264 -32.88 -17.61 -5.81
N LEU B 265 -33.62 -18.45 -5.11
CA LEU B 265 -33.26 -18.79 -3.73
C LEU B 265 -32.23 -19.93 -3.77
N LEU B 266 -31.06 -19.69 -3.16
CA LEU B 266 -30.05 -20.74 -2.99
C LEU B 266 -30.33 -21.36 -1.62
N VAL B 267 -30.46 -22.69 -1.58
CA VAL B 267 -30.73 -23.47 -0.35
C VAL B 267 -29.62 -24.49 -0.20
N GLY B 268 -28.85 -24.42 0.88
CA GLY B 268 -27.89 -25.47 1.27
C GLY B 268 -28.36 -26.15 2.54
N ILE B 269 -28.25 -27.47 2.57
CA ILE B 269 -28.66 -28.31 3.71
C ILE B 269 -27.41 -28.98 4.30
N HIS B 270 -27.18 -28.70 5.59
CA HIS B 270 -26.11 -29.29 6.45
C HIS B 270 -26.74 -30.40 7.26
N ASP B 271 -26.15 -31.59 7.23
CA ASP B 271 -26.67 -32.79 7.93
C ASP B 271 -25.88 -32.99 9.21
N VAL B 272 -26.42 -32.65 10.36
CA VAL B 272 -25.72 -32.75 11.61
C VAL B 272 -25.40 -34.15 12.11
N GLU B 273 -26.22 -35.12 11.77
CA GLU B 273 -26.06 -36.52 12.27
C GLU B 273 -24.77 -37.09 11.71
N ARG B 274 -24.47 -36.85 10.43
CA ARG B 274 -23.14 -37.09 9.80
C ARG B 274 -22.06 -36.21 10.48
N ALA B 275 -21.70 -36.49 11.75
CA ALA B 275 -20.82 -35.67 12.65
C ALA B 275 -19.66 -36.51 13.20
N ALA B 317 -19.65 -27.46 18.76
CA ALA B 317 -20.56 -28.60 18.91
C ALA B 317 -21.25 -28.90 17.60
N PRO B 318 -21.65 -30.16 17.38
CA PRO B 318 -22.33 -30.52 16.15
C PRO B 318 -23.58 -29.71 15.99
N GLY B 319 -23.77 -29.12 14.83
CA GLY B 319 -24.96 -28.35 14.58
C GLY B 319 -24.95 -26.92 14.99
N GLU B 320 -23.86 -26.42 15.53
CA GLU B 320 -23.82 -25.02 15.92
C GLU B 320 -22.99 -24.17 14.96
N PHE B 321 -23.32 -22.89 14.86
CA PHE B 321 -22.62 -21.96 14.01
C PHE B 321 -22.75 -20.57 14.58
N ASP B 322 -21.87 -19.65 14.20
CA ASP B 322 -21.90 -18.25 14.68
C ASP B 322 -22.80 -17.47 13.72
N PRO B 323 -23.96 -16.91 14.15
CA PRO B 323 -24.86 -16.20 13.23
C PRO B 323 -24.37 -14.82 12.77
N ASN B 324 -23.32 -14.29 13.42
CA ASN B 324 -22.53 -13.10 12.97
C ASN B 324 -21.61 -13.44 11.80
N ILE B 325 -21.22 -14.71 11.61
CA ILE B 325 -20.46 -15.10 10.40
C ILE B 325 -21.36 -15.77 9.37
N ASP B 326 -22.00 -16.85 9.77
CA ASP B 326 -22.86 -17.64 8.88
C ASP B 326 -24.25 -17.04 9.01
N VAL B 327 -24.48 -15.89 8.39
CA VAL B 327 -25.63 -15.01 8.78
C VAL B 327 -26.96 -15.57 8.25
N TYR B 328 -26.90 -16.49 7.29
CA TYR B 328 -28.08 -17.05 6.59
C TYR B 328 -28.47 -18.41 7.17
N GLY B 329 -27.79 -18.87 8.22
CA GLY B 329 -28.11 -20.16 8.88
C GLY B 329 -29.42 -20.11 9.67
N ILE B 330 -30.19 -21.19 9.61
CA ILE B 330 -31.43 -21.37 10.43
C ILE B 330 -31.49 -22.80 10.90
N LYS B 331 -31.56 -23.04 12.19
CA LYS B 331 -31.67 -24.39 12.66
C LYS B 331 -33.05 -24.94 12.34
N CYS B 332 -33.13 -26.27 12.31
CA CYS B 332 -34.35 -27.03 12.00
C CYS B 332 -35.25 -27.00 13.23
N HIS B 333 -36.57 -27.19 13.02
CA HIS B 333 -37.62 -27.52 14.03
C HIS B 333 -37.06 -28.59 14.98
N GLU B 334 -37.26 -28.48 16.30
CA GLU B 334 -36.86 -29.55 17.25
C GLU B 334 -37.53 -30.89 16.85
N ASN B 335 -38.71 -30.85 16.23
CA ASN B 335 -39.44 -32.11 15.92
C ASN B 335 -39.09 -32.57 14.49
N SER B 336 -38.17 -31.89 13.82
CA SER B 336 -37.64 -32.33 12.51
C SER B 336 -37.24 -33.81 12.62
N PRO B 337 -37.61 -34.67 11.67
CA PRO B 337 -37.14 -36.06 11.73
C PRO B 337 -35.61 -36.25 11.47
N ARG B 338 -34.91 -35.22 10.97
CA ARG B 338 -33.43 -35.18 10.80
C ARG B 338 -32.88 -33.87 11.36
N LYS B 339 -31.77 -33.92 12.09
CA LYS B 339 -31.08 -32.73 12.62
C LYS B 339 -30.40 -32.07 11.43
N GLU B 340 -30.96 -30.97 10.94
CA GLU B 340 -30.41 -30.21 9.80
C GLU B 340 -30.20 -28.76 10.20
N VAL B 341 -29.48 -28.03 9.37
CA VAL B 341 -29.29 -26.61 9.42
C VAL B 341 -29.43 -26.19 7.98
N TYR B 342 -30.19 -25.14 7.73
CA TYR B 342 -30.45 -24.63 6.37
C TYR B 342 -29.70 -23.31 6.19
N PHE B 343 -29.10 -23.12 5.02
CA PHE B 343 -28.50 -21.83 4.59
C PHE B 343 -29.30 -21.37 3.37
N MET B 344 -30.05 -20.28 3.48
CA MET B 344 -30.90 -19.83 2.36
C MET B 344 -30.77 -18.31 2.17
N ALA B 345 -30.61 -17.88 0.92
CA ALA B 345 -30.61 -16.45 0.56
C ALA B 345 -30.80 -16.32 -0.94
N ILE B 346 -31.05 -15.10 -1.38
CA ILE B 346 -31.25 -14.78 -2.82
C ILE B 346 -29.85 -14.62 -3.46
N ILE B 347 -29.69 -15.08 -4.70
CA ILE B 347 -28.46 -14.87 -5.52
C ILE B 347 -28.95 -14.51 -6.90
N ILE B 349 -29.19 -11.61 -8.97
CA ILE B 349 -30.31 -10.68 -9.14
C ILE B 349 -30.21 -9.79 -10.39
N LEU B 350 -29.06 -9.67 -11.05
CA LEU B 350 -28.80 -8.53 -11.99
C LEU B 350 -29.28 -8.86 -13.39
N THR B 351 -30.57 -9.17 -13.57
CA THR B 351 -31.21 -9.23 -14.92
C THR B 351 -32.34 -8.20 -14.89
N HIS B 352 -32.26 -7.16 -15.72
CA HIS B 352 -33.26 -6.06 -15.88
C HIS B 352 -34.26 -6.46 -16.96
N TYR B 353 -35.56 -6.28 -16.71
CA TYR B 353 -36.64 -6.54 -17.70
C TYR B 353 -36.31 -5.94 -19.07
N ASP B 354 -35.55 -4.86 -19.11
CA ASP B 354 -35.29 -4.14 -20.39
C ASP B 354 -34.54 -5.06 -21.39
N ALA B 355 -33.82 -6.13 -20.97
CA ALA B 355 -33.53 -7.34 -21.80
C ALA B 355 -34.82 -7.91 -22.46
N LYS B 356 -35.18 -7.34 -23.62
CA LYS B 356 -36.34 -7.65 -24.48
C LYS B 356 -35.92 -7.32 -25.93
N VAL B 377 -43.57 -12.90 -19.11
CA VAL B 377 -43.46 -12.85 -17.63
C VAL B 377 -42.64 -11.61 -17.22
N ASN B 378 -43.17 -10.76 -16.32
CA ASN B 378 -42.60 -9.43 -16.02
C ASN B 378 -42.08 -9.46 -14.59
N PRO B 379 -41.38 -8.43 -14.09
CA PRO B 379 -40.83 -8.49 -12.74
C PRO B 379 -41.85 -8.67 -11.61
N GLU B 380 -43.04 -8.05 -11.69
CA GLU B 380 -44.12 -8.29 -10.67
C GLU B 380 -44.45 -9.79 -10.63
N GLN B 381 -44.72 -10.37 -11.80
CA GLN B 381 -45.17 -11.78 -11.97
C GLN B 381 -44.07 -12.71 -11.44
N TYR B 382 -42.81 -12.42 -11.81
CA TYR B 382 -41.64 -13.24 -11.42
C TYR B 382 -41.66 -13.28 -9.90
N SER B 383 -41.86 -12.13 -9.29
CA SER B 383 -41.62 -11.95 -7.84
C SER B 383 -42.72 -12.69 -7.09
N LYS B 384 -43.94 -12.59 -7.61
CA LYS B 384 -45.13 -13.18 -6.94
C LYS B 384 -45.02 -14.69 -7.10
N ARG B 385 -44.68 -15.14 -8.29
CA ARG B 385 -44.53 -16.59 -8.58
C ARG B 385 -43.40 -17.15 -7.73
N PHE B 386 -42.35 -16.34 -7.53
CA PHE B 386 -41.17 -16.72 -6.69
C PHE B 386 -41.62 -16.85 -5.22
N LEU B 387 -42.19 -15.79 -4.65
CA LEU B 387 -42.64 -15.80 -3.23
C LEU B 387 -43.64 -16.96 -3.02
N ASP B 388 -44.55 -17.18 -3.94
CA ASP B 388 -45.59 -18.24 -3.75
C ASP B 388 -44.86 -19.58 -3.63
N PHE B 389 -43.89 -19.87 -4.50
CA PHE B 389 -43.22 -21.19 -4.49
C PHE B 389 -42.46 -21.37 -3.17
N ILE B 390 -41.71 -20.36 -2.70
CA ILE B 390 -40.91 -20.48 -1.46
C ILE B 390 -41.85 -20.66 -0.27
N GLY B 391 -42.93 -19.85 -0.19
CA GLY B 391 -43.99 -20.05 0.80
C GLY B 391 -44.52 -21.47 0.71
N HIS B 392 -44.70 -21.97 -0.52
CA HIS B 392 -45.19 -23.34 -0.82
C HIS B 392 -44.30 -24.38 -0.13
N ILE B 393 -42.98 -24.23 -0.15
CA ILE B 393 -42.08 -25.32 0.32
C ILE B 393 -41.69 -25.10 1.79
N LEU B 394 -41.87 -23.86 2.29
CA LEU B 394 -41.44 -23.25 3.60
C LEU B 394 -40.03 -22.62 3.57
#